data_5JX5
#
_entry.id   5JX5
#
_cell.length_a   309.859
_cell.length_b   87.353
_cell.length_c   82.551
_cell.angle_alpha   90.000
_cell.angle_beta   93.950
_cell.angle_gamma   90.000
#
_symmetry.space_group_name_H-M   'C 1 2 1'
#
loop_
_entity.id
_entity.type
_entity.pdbx_description
1 polymer Glucanase
2 non-polymer 'PHOSPHATE ION'
3 non-polymer GLYCEROL
4 non-polymer 1,2-ETHANEDIOL
5 non-polymer 'AMMONIUM ION'
6 non-polymer (4S)-2-METHYL-2,4-PENTANEDIOL
7 non-polymer DI(HYDROXYETHYL)ETHER
8 non-polymer 'ACETATE ION'
9 water water
#
_entity_poly.entity_id   1
_entity_poly.type   'polypeptide(L)'
_entity_poly.pdbx_seq_one_letter_code
;TSDNFFENELYSNYKFQGEVDQSIQRLSGSLQEKAKKVKYVPTAAWLAWSGATNEVARYLNEAGSKTVVFVLYMIPTRDC
NAGGSNGGADNLSTYQGYVNSIYNTINQYPNSRIVMIIEPDTIGNLVTANNANCRNVHDMHKQALSYAISKFGTQKNVRV
YLDAAHGGWLNSSADRTAEVIAEILRNAGNGKIRGISTNVSNYQPVYSEYQYHQNLNRALESRGVRGMKFIVDTSRNGRN
PSSATWCNLKGAGLGARPQANPDPNMPLLDAYVWIKTPGESDSASSADPVCRNSDSLQGAPAAGSWFHDYFVMLLENANP
PF
;
_entity_poly.pdbx_strand_id   A,B,C,D
#
# COMPACT_ATOMS: atom_id res chain seq x y z
N THR A 1 -37.17 -22.27 -9.11
CA THR A 1 -37.71 -21.59 -10.32
C THR A 1 -36.64 -21.08 -11.32
N SER A 2 -35.60 -20.41 -10.84
CA SER A 2 -34.49 -19.99 -11.74
C SER A 2 -33.69 -21.22 -12.07
N ASP A 3 -33.18 -21.28 -13.30
CA ASP A 3 -32.28 -22.34 -13.75
C ASP A 3 -30.79 -22.07 -13.41
N ASN A 4 -30.52 -20.95 -12.73
CA ASN A 4 -29.17 -20.65 -12.22
C ASN A 4 -29.25 -20.89 -10.75
N PHE A 5 -28.82 -22.09 -10.35
CA PHE A 5 -28.95 -22.53 -8.96
C PHE A 5 -28.04 -21.79 -8.02
N PHE A 6 -27.07 -21.06 -8.61
CA PHE A 6 -26.22 -20.23 -7.75
C PHE A 6 -26.90 -18.99 -7.23
N GLU A 7 -28.10 -18.64 -7.76
CA GLU A 7 -28.99 -17.58 -7.21
C GLU A 7 -29.72 -18.12 -5.99
N ASN A 8 -28.95 -18.69 -5.09
CA ASN A 8 -29.54 -19.22 -3.89
C ASN A 8 -28.46 -19.21 -2.87
N GLU A 9 -28.82 -19.20 -1.60
CA GLU A 9 -27.75 -19.38 -0.67
C GLU A 9 -26.97 -20.66 -0.99
N LEU A 10 -25.64 -20.57 -0.99
CA LEU A 10 -24.79 -21.71 -1.28
C LEU A 10 -24.44 -22.47 -0.04
N TYR A 11 -24.55 -23.80 -0.10
CA TYR A 11 -24.03 -24.68 0.96
C TYR A 11 -22.55 -24.66 1.28
N SER A 12 -22.22 -24.42 2.60
CA SER A 12 -20.87 -24.54 3.11
C SER A 12 -20.72 -25.88 3.87
N ASN A 13 -19.77 -26.70 3.48
CA ASN A 13 -19.78 -28.11 4.02
C ASN A 13 -18.82 -28.45 5.13
N TYR A 14 -19.11 -29.53 5.88
CA TYR A 14 -18.30 -29.81 7.03
C TYR A 14 -16.88 -30.20 6.72
N LYS A 15 -16.58 -30.70 5.50
CA LYS A 15 -15.21 -31.12 5.26
C LYS A 15 -14.27 -29.90 5.09
N PHE A 16 -14.68 -29.03 4.21
CA PHE A 16 -13.89 -27.81 4.07
C PHE A 16 -13.75 -27.09 5.42
N GLN A 17 -14.88 -26.85 6.07
CA GLN A 17 -14.88 -26.23 7.41
C GLN A 17 -13.83 -26.88 8.29
N GLY A 18 -13.81 -28.21 8.37
CA GLY A 18 -12.77 -28.92 9.11
C GLY A 18 -11.36 -28.83 8.62
N GLU A 19 -11.17 -28.67 7.34
CA GLU A 19 -9.84 -28.47 6.84
C GLU A 19 -9.33 -27.05 7.21
N VAL A 20 -10.18 -26.04 7.10
CA VAL A 20 -9.70 -24.70 7.40
C VAL A 20 -9.45 -24.66 8.95
N ASP A 21 -10.30 -25.33 9.74
CA ASP A 21 -10.12 -25.47 11.24
C ASP A 21 -8.70 -25.92 11.46
N GLN A 22 -8.22 -26.79 10.62
CA GLN A 22 -6.89 -27.31 10.79
C GLN A 22 -5.84 -26.23 10.70
N SER A 23 -6.06 -25.30 9.76
CA SER A 23 -5.10 -24.24 9.56
C SER A 23 -5.18 -23.20 10.60
N ILE A 24 -6.39 -22.93 11.03
CA ILE A 24 -6.72 -21.93 11.99
C ILE A 24 -5.98 -22.29 13.29
N GLN A 25 -5.90 -23.60 13.56
CA GLN A 25 -5.36 -24.04 14.85
C GLN A 25 -3.90 -23.84 14.78
N ARG A 26 -3.34 -23.60 13.59
CA ARG A 26 -1.93 -23.39 13.42
C ARG A 26 -1.50 -21.93 13.21
N LEU A 27 -2.47 -21.07 13.35
CA LEU A 27 -2.23 -19.67 13.03
C LEU A 27 -2.62 -18.83 14.25
N SER A 28 -2.01 -17.65 14.34
CA SER A 28 -2.30 -16.69 15.39
C SER A 28 -2.46 -15.27 14.84
N GLY A 29 -3.25 -14.45 15.52
CA GLY A 29 -3.50 -13.08 15.13
C GLY A 29 -4.19 -12.85 13.78
N SER A 30 -3.63 -11.96 12.98
CA SER A 30 -4.27 -11.50 11.75
C SER A 30 -4.49 -12.59 10.71
N LEU A 31 -3.51 -13.47 10.52
CA LEU A 31 -3.62 -14.55 9.55
C LEU A 31 -4.77 -15.47 9.95
N GLN A 32 -4.88 -15.72 11.24
CA GLN A 32 -5.87 -16.58 11.78
C GLN A 32 -7.24 -15.95 11.67
N GLU A 33 -7.29 -14.64 11.84
CA GLU A 33 -8.50 -13.95 11.67
C GLU A 33 -8.96 -14.09 10.20
N LYS A 34 -8.04 -13.99 9.24
CA LYS A 34 -8.41 -14.19 7.83
C LYS A 34 -8.83 -15.63 7.50
N ALA A 35 -8.14 -16.60 8.06
CA ALA A 35 -8.63 -18.01 7.94
C ALA A 35 -10.06 -18.25 8.44
N LYS A 36 -10.44 -17.64 9.58
CA LYS A 36 -11.75 -17.80 10.08
C LYS A 36 -12.82 -17.25 9.13
N LYS A 37 -12.49 -16.20 8.36
CA LYS A 37 -13.39 -15.74 7.29
C LYS A 37 -13.39 -16.74 6.07
N VAL A 38 -12.30 -17.46 5.83
CA VAL A 38 -12.27 -18.34 4.61
C VAL A 38 -13.03 -19.62 4.97
N LYS A 39 -13.05 -19.98 6.25
CA LYS A 39 -13.78 -21.22 6.67
C LYS A 39 -15.17 -21.44 6.12
N TYR A 40 -16.03 -20.38 6.12
CA TYR A 40 -17.39 -20.48 5.69
C TYR A 40 -17.64 -20.14 4.20
N VAL A 41 -16.58 -19.94 3.44
CA VAL A 41 -16.79 -19.61 1.98
C VAL A 41 -17.20 -20.99 1.34
N PRO A 42 -18.28 -20.99 0.59
CA PRO A 42 -18.71 -22.31 0.06
C PRO A 42 -17.77 -22.88 -0.94
N THR A 43 -17.50 -24.22 -0.88
CA THR A 43 -16.57 -24.83 -1.83
C THR A 43 -17.25 -26.13 -2.38
N ALA A 44 -16.92 -26.54 -3.60
CA ALA A 44 -17.61 -27.75 -4.08
C ALA A 44 -17.18 -29.01 -3.29
N ALA A 45 -18.09 -29.97 -3.22
CA ALA A 45 -17.73 -31.28 -2.62
C ALA A 45 -17.36 -32.28 -3.72
N TRP A 46 -16.19 -32.84 -3.69
CA TRP A 46 -15.77 -33.74 -4.70
C TRP A 46 -16.25 -35.16 -4.44
N LEU A 47 -16.73 -35.81 -5.48
CA LEU A 47 -17.03 -37.29 -5.47
C LEU A 47 -15.98 -37.97 -6.21
N ALA A 48 -14.90 -38.38 -5.52
CA ALA A 48 -13.66 -38.67 -6.12
C ALA A 48 -13.04 -40.00 -5.80
N TRP A 49 -13.82 -40.90 -5.19
CA TRP A 49 -13.31 -42.25 -5.01
C TRP A 49 -14.54 -43.17 -4.93
N SER A 50 -14.34 -44.51 -4.95
CA SER A 50 -15.54 -45.43 -4.94
C SER A 50 -16.53 -45.15 -3.85
N GLY A 51 -16.08 -44.94 -2.61
CA GLY A 51 -16.99 -44.69 -1.52
C GLY A 51 -17.62 -43.40 -1.43
N ALA A 52 -17.31 -42.47 -2.40
CA ALA A 52 -18.05 -41.26 -2.33
C ALA A 52 -19.47 -41.41 -2.61
N THR A 53 -19.96 -42.55 -3.22
CA THR A 53 -21.36 -42.78 -3.27
C THR A 53 -22.02 -42.71 -1.94
N ASN A 54 -21.31 -43.18 -0.92
CA ASN A 54 -21.89 -43.12 0.44
C ASN A 54 -21.77 -41.79 1.18
N GLU A 55 -21.09 -40.83 0.52
CA GLU A 55 -20.96 -39.45 1.09
C GLU A 55 -22.01 -38.44 0.69
N VAL A 56 -22.76 -38.69 -0.43
CA VAL A 56 -23.78 -37.81 -0.91
C VAL A 56 -24.83 -37.48 0.08
N ALA A 57 -25.37 -38.52 0.80
CA ALA A 57 -26.56 -38.27 1.60
C ALA A 57 -26.28 -37.25 2.73
N ARG A 58 -25.15 -37.39 3.31
CA ARG A 58 -24.87 -36.52 4.48
C ARG A 58 -24.75 -35.06 4.04
N TYR A 59 -24.15 -34.83 2.88
CA TYR A 59 -24.14 -33.49 2.36
C TYR A 59 -25.54 -33.00 2.10
N LEU A 60 -26.38 -33.80 1.51
CA LEU A 60 -27.64 -33.29 1.18
C LEU A 60 -28.51 -33.13 2.45
N ASN A 61 -28.25 -33.96 3.44
CA ASN A 61 -28.99 -33.81 4.72
C ASN A 61 -28.55 -32.51 5.37
N GLU A 62 -27.28 -32.22 5.30
CA GLU A 62 -26.83 -30.99 6.01
C GLU A 62 -27.04 -29.66 5.30
N ALA A 63 -27.18 -29.73 3.99
CA ALA A 63 -27.42 -28.53 3.16
C ALA A 63 -28.81 -27.99 3.26
N GLY A 64 -29.85 -28.79 3.60
CA GLY A 64 -31.20 -28.21 3.52
C GLY A 64 -31.58 -27.56 2.17
N SER A 65 -32.12 -26.35 2.15
CA SER A 65 -32.56 -25.74 0.92
C SER A 65 -31.39 -25.01 0.18
N LYS A 66 -30.22 -25.03 0.78
CA LYS A 66 -29.02 -24.34 0.20
C LYS A 66 -28.41 -25.16 -1.02
N THR A 67 -27.87 -24.45 -2.00
CA THR A 67 -27.38 -25.14 -3.22
C THR A 67 -26.10 -25.89 -2.93
N VAL A 68 -26.15 -27.16 -3.27
CA VAL A 68 -25.02 -28.06 -3.17
C VAL A 68 -24.31 -28.14 -4.47
N VAL A 69 -22.96 -28.14 -4.43
CA VAL A 69 -22.17 -28.19 -5.66
C VAL A 69 -21.36 -29.43 -5.55
N PHE A 70 -21.66 -30.44 -6.39
CA PHE A 70 -20.77 -31.63 -6.46
C PHE A 70 -19.88 -31.63 -7.69
N VAL A 71 -18.69 -32.23 -7.56
CA VAL A 71 -17.81 -32.50 -8.63
C VAL A 71 -17.75 -34.07 -8.78
N LEU A 72 -18.27 -34.54 -9.91
CA LEU A 72 -18.16 -35.96 -10.25
C LEU A 72 -16.82 -36.23 -10.86
N TYR A 73 -16.01 -37.01 -10.18
CA TYR A 73 -14.69 -37.23 -10.54
C TYR A 73 -14.38 -38.71 -10.36
N MET A 74 -15.05 -39.55 -11.14
CA MET A 74 -15.06 -40.99 -10.82
C MET A 74 -14.66 -41.85 -12.02
N ILE A 75 -14.27 -41.25 -13.14
CA ILE A 75 -14.00 -42.06 -14.29
C ILE A 75 -12.86 -43.07 -13.83
N PRO A 76 -13.08 -44.45 -13.78
CA PRO A 76 -12.10 -45.37 -13.08
C PRO A 76 -10.70 -45.41 -13.70
N THR A 77 -10.52 -44.92 -14.92
CA THR A 77 -9.17 -44.76 -15.44
C THR A 77 -9.03 -43.54 -16.33
N ARG A 78 -8.01 -42.78 -16.08
CA ARG A 78 -7.65 -41.64 -16.86
C ARG A 78 -6.38 -41.90 -17.69
N ASP A 79 -5.64 -42.94 -17.32
CA ASP A 79 -4.34 -43.22 -17.92
C ASP A 79 -4.40 -44.20 -19.11
N CYS A 80 -3.65 -43.92 -20.16
CA CYS A 80 -3.75 -44.66 -21.42
C CYS A 80 -2.88 -45.94 -21.31
N ASN A 81 -2.65 -46.62 -22.41
CA ASN A 81 -1.84 -47.85 -22.45
C ASN A 81 -2.70 -49.05 -22.18
N ALA A 82 -3.99 -48.82 -22.10
CA ALA A 82 -4.94 -49.91 -22.13
C ALA A 82 -5.33 -50.05 -23.58
N GLY A 83 -4.75 -50.98 -24.32
CA GLY A 83 -3.56 -51.74 -23.92
C GLY A 83 -3.92 -53.00 -23.18
N GLY A 84 -5.19 -53.13 -22.84
CA GLY A 84 -5.69 -54.35 -22.24
C GLY A 84 -5.42 -54.51 -20.76
N SER A 85 -5.99 -55.56 -20.20
CA SER A 85 -6.77 -56.47 -21.02
C SER A 85 -8.25 -56.34 -20.70
N ASN A 86 -9.01 -55.92 -21.70
CA ASN A 86 -8.39 -55.47 -22.96
C ASN A 86 -8.94 -54.17 -23.56
N GLY A 87 -8.61 -53.03 -22.98
CA GLY A 87 -7.73 -52.91 -21.84
C GLY A 87 -8.47 -52.67 -20.53
N GLY A 88 -9.79 -52.85 -20.56
CA GLY A 88 -10.59 -52.76 -19.35
C GLY A 88 -11.51 -53.93 -19.04
N ALA A 89 -11.43 -54.39 -17.81
CA ALA A 89 -12.54 -55.05 -17.16
C ALA A 89 -12.83 -54.40 -15.81
N ASP A 90 -14.02 -53.87 -15.64
CA ASP A 90 -14.69 -53.16 -16.72
C ASP A 90 -15.17 -51.82 -16.32
N ASN A 91 -14.51 -50.86 -16.90
CA ASN A 91 -14.55 -49.54 -16.35
C ASN A 91 -15.85 -48.86 -16.56
N LEU A 92 -16.35 -48.92 -17.78
CA LEU A 92 -17.61 -48.27 -18.05
C LEU A 92 -18.71 -48.82 -17.18
N SER A 93 -18.79 -50.15 -17.07
CA SER A 93 -19.86 -50.73 -16.22
C SER A 93 -19.75 -50.30 -14.75
N THR A 94 -18.56 -50.34 -14.22
CA THR A 94 -18.41 -49.89 -12.85
C THR A 94 -18.75 -48.41 -12.72
N TYR A 95 -18.35 -47.59 -13.68
CA TYR A 95 -18.72 -46.14 -13.66
C TYR A 95 -20.19 -45.98 -13.70
N GLN A 96 -20.91 -46.79 -14.54
CA GLN A 96 -22.36 -46.61 -14.60
C GLN A 96 -23.02 -46.91 -13.21
N GLY A 97 -22.43 -47.86 -12.52
CA GLY A 97 -22.86 -48.26 -11.15
C GLY A 97 -22.72 -47.08 -10.17
N TYR A 98 -21.63 -46.34 -10.29
CA TYR A 98 -21.34 -45.14 -9.43
C TYR A 98 -22.34 -44.11 -9.76
N VAL A 99 -22.54 -43.83 -11.08
CA VAL A 99 -23.51 -42.82 -11.41
C VAL A 99 -24.94 -43.15 -10.98
N ASN A 100 -25.39 -44.42 -11.22
CA ASN A 100 -26.73 -44.78 -10.82
C ASN A 100 -26.93 -44.60 -9.29
N SER A 101 -25.88 -44.98 -8.56
CA SER A 101 -26.00 -44.90 -7.08
C SER A 101 -26.27 -43.46 -6.66
N ILE A 102 -25.46 -42.56 -7.26
CA ILE A 102 -25.53 -41.14 -6.97
C ILE A 102 -26.81 -40.56 -7.49
N TYR A 103 -27.18 -40.88 -8.74
CA TYR A 103 -28.49 -40.45 -9.14
C TYR A 103 -29.69 -40.97 -8.25
N ASN A 104 -29.60 -42.26 -7.88
CA ASN A 104 -30.67 -42.87 -7.06
C ASN A 104 -30.77 -42.10 -5.71
N THR A 105 -29.61 -41.86 -5.12
CA THR A 105 -29.62 -41.01 -3.86
C THR A 105 -30.25 -39.62 -4.10
N ILE A 106 -29.79 -38.89 -5.16
CA ILE A 106 -30.43 -37.62 -5.49
C ILE A 106 -31.92 -37.59 -5.72
N ASN A 107 -32.51 -38.65 -6.30
CA ASN A 107 -33.95 -38.71 -6.44
C ASN A 107 -34.70 -38.69 -5.11
N GLN A 108 -34.01 -39.05 -4.06
CA GLN A 108 -34.56 -39.01 -2.71
C GLN A 108 -34.63 -37.61 -2.05
N TYR A 109 -34.10 -36.61 -2.72
CA TYR A 109 -34.08 -35.27 -2.17
C TYR A 109 -34.61 -34.31 -3.19
N PRO A 110 -35.90 -34.40 -3.42
CA PRO A 110 -36.57 -33.67 -4.47
C PRO A 110 -36.48 -32.19 -4.27
N ASN A 111 -36.33 -31.80 -3.03
CA ASN A 111 -36.37 -30.39 -2.70
C ASN A 111 -35.00 -29.76 -2.61
N SER A 112 -33.96 -30.57 -2.66
CA SER A 112 -32.60 -30.04 -2.77
C SER A 112 -32.34 -29.34 -4.09
N ARG A 113 -31.36 -28.41 -4.14
CA ARG A 113 -30.94 -27.81 -5.39
C ARG A 113 -29.51 -28.20 -5.56
N ILE A 114 -29.24 -28.99 -6.61
CA ILE A 114 -27.91 -29.56 -6.76
C ILE A 114 -27.26 -29.12 -8.08
N VAL A 115 -25.97 -28.72 -8.00
CA VAL A 115 -25.20 -28.47 -9.21
C VAL A 115 -24.22 -29.61 -9.33
N MET A 116 -24.21 -30.28 -10.50
CA MET A 116 -23.27 -31.41 -10.73
C MET A 116 -22.28 -31.00 -11.79
N ILE A 117 -20.97 -31.02 -11.44
CA ILE A 117 -19.92 -30.68 -12.40
C ILE A 117 -19.24 -31.92 -12.88
N ILE A 118 -19.31 -32.20 -14.20
CA ILE A 118 -18.94 -33.48 -14.70
C ILE A 118 -17.54 -33.55 -15.11
N GLU A 119 -16.78 -34.33 -14.36
CA GLU A 119 -15.44 -34.96 -14.70
C GLU A 119 -14.37 -33.99 -15.29
N PRO A 120 -13.89 -33.10 -14.45
CA PRO A 120 -12.72 -32.31 -14.83
C PRO A 120 -11.61 -33.06 -15.42
N ASP A 121 -11.06 -32.41 -16.44
CA ASP A 121 -9.86 -32.90 -17.17
C ASP A 121 -10.05 -33.93 -18.33
N THR A 122 -11.28 -34.33 -18.48
CA THR A 122 -11.56 -35.39 -19.39
C THR A 122 -11.65 -34.78 -20.79
N ILE A 123 -12.46 -33.75 -20.92
CA ILE A 123 -12.60 -33.10 -22.25
C ILE A 123 -11.22 -32.60 -22.71
N GLY A 124 -10.40 -31.91 -21.91
CA GLY A 124 -9.06 -31.49 -22.35
C GLY A 124 -8.25 -32.53 -22.99
N ASN A 125 -8.20 -33.69 -22.31
CA ASN A 125 -7.37 -34.78 -22.85
C ASN A 125 -8.01 -35.41 -24.09
N LEU A 126 -9.34 -35.47 -24.15
CA LEU A 126 -10.02 -36.01 -25.37
C LEU A 126 -9.65 -35.07 -26.57
N VAL A 127 -9.49 -33.77 -26.31
CA VAL A 127 -9.14 -32.86 -27.44
C VAL A 127 -7.63 -32.90 -27.77
N THR A 128 -6.78 -32.87 -26.77
CA THR A 128 -5.38 -32.66 -27.03
C THR A 128 -4.40 -33.80 -26.82
N ALA A 129 -4.82 -34.90 -26.22
CA ALA A 129 -3.90 -35.98 -25.97
C ALA A 129 -3.95 -37.00 -27.07
N ASN A 130 -2.80 -37.53 -27.41
CA ASN A 130 -2.67 -38.35 -28.59
C ASN A 130 -2.62 -39.87 -28.29
N ASN A 131 -3.46 -40.58 -29.01
CA ASN A 131 -4.33 -41.60 -28.53
C ASN A 131 -4.20 -42.87 -29.31
N ALA A 132 -2.98 -43.24 -29.63
CA ALA A 132 -2.69 -44.57 -30.11
C ALA A 132 -3.08 -45.56 -29.06
N ASN A 133 -2.36 -45.47 -27.96
CA ASN A 133 -2.68 -46.11 -26.71
C ASN A 133 -4.08 -45.78 -26.26
N CYS A 134 -4.26 -44.47 -26.04
CA CYS A 134 -5.41 -43.93 -25.33
C CYS A 134 -6.75 -44.08 -26.08
N ARG A 135 -6.73 -44.55 -27.32
CA ARG A 135 -7.93 -44.55 -28.12
C ARG A 135 -9.03 -45.37 -27.44
N ASN A 136 -8.67 -46.51 -26.86
CA ASN A 136 -9.64 -47.30 -26.11
C ASN A 136 -10.17 -46.54 -24.90
N VAL A 137 -9.27 -45.88 -24.17
CA VAL A 137 -9.66 -45.05 -23.03
C VAL A 137 -10.50 -43.86 -23.47
N HIS A 138 -10.09 -43.25 -24.58
CA HIS A 138 -10.79 -42.10 -25.18
C HIS A 138 -12.22 -42.44 -25.48
N ASP A 139 -12.46 -43.59 -26.13
CA ASP A 139 -13.83 -43.96 -26.49
C ASP A 139 -14.65 -44.21 -25.21
N MET A 140 -14.07 -44.87 -24.24
CA MET A 140 -14.76 -45.12 -22.97
C MET A 140 -15.03 -43.83 -22.24
N HIS A 141 -14.07 -42.86 -22.28
CA HIS A 141 -14.35 -41.59 -21.65
C HIS A 141 -15.51 -40.89 -22.25
N LYS A 142 -15.64 -40.92 -23.61
CA LYS A 142 -16.81 -40.22 -24.16
C LYS A 142 -18.08 -40.88 -23.67
N GLN A 143 -18.08 -42.22 -23.63
CA GLN A 143 -19.34 -42.93 -23.24
C GLN A 143 -19.68 -42.67 -21.76
N ALA A 144 -18.61 -42.55 -20.96
CA ALA A 144 -18.80 -42.20 -19.52
C ALA A 144 -19.49 -40.84 -19.38
N LEU A 145 -18.95 -39.82 -20.12
CA LEU A 145 -19.57 -38.52 -20.03
C LEU A 145 -20.99 -38.52 -20.56
N SER A 146 -21.25 -39.18 -21.70
CA SER A 146 -22.65 -39.20 -22.17
C SER A 146 -23.54 -39.85 -21.13
N TYR A 147 -23.05 -40.93 -20.54
CA TYR A 147 -23.94 -41.63 -19.56
C TYR A 147 -24.20 -40.77 -18.34
N ALA A 148 -23.11 -40.16 -17.80
CA ALA A 148 -23.41 -39.22 -16.69
C ALA A 148 -24.44 -38.14 -17.02
N ILE A 149 -24.30 -37.40 -18.14
CA ILE A 149 -25.31 -36.37 -18.52
C ILE A 149 -26.68 -36.98 -18.77
N SER A 150 -26.69 -38.18 -19.37
CA SER A 150 -28.02 -38.80 -19.62
C SER A 150 -28.81 -39.08 -18.33
N LYS A 151 -28.07 -39.20 -17.19
CA LYS A 151 -28.75 -39.48 -15.88
C LYS A 151 -28.98 -38.17 -15.16
N PHE A 152 -27.87 -37.49 -14.78
CA PHE A 152 -28.07 -36.20 -14.01
C PHE A 152 -28.79 -35.14 -14.75
N GLY A 153 -28.62 -35.19 -16.07
CA GLY A 153 -29.21 -34.18 -16.90
C GLY A 153 -30.72 -34.35 -17.16
N THR A 154 -31.34 -35.36 -16.53
CA THR A 154 -32.80 -35.41 -16.48
C THR A 154 -33.41 -35.21 -15.12
N GLN A 155 -32.61 -34.82 -14.12
CA GLN A 155 -33.11 -34.64 -12.78
C GLN A 155 -33.52 -33.19 -12.51
N LYS A 156 -34.77 -32.99 -12.12
CA LYS A 156 -35.29 -31.63 -12.03
C LYS A 156 -34.58 -30.83 -10.95
N ASN A 157 -34.15 -31.53 -9.92
CA ASN A 157 -33.44 -30.92 -8.79
C ASN A 157 -31.90 -30.76 -9.03
N VAL A 158 -31.47 -30.94 -10.26
CA VAL A 158 -29.99 -30.87 -10.60
C VAL A 158 -29.79 -29.97 -11.79
N ARG A 159 -28.68 -29.21 -11.78
CA ARG A 159 -28.21 -28.52 -13.01
C ARG A 159 -26.81 -29.00 -13.29
N VAL A 160 -26.58 -29.43 -14.50
CA VAL A 160 -25.32 -30.11 -14.84
C VAL A 160 -24.39 -29.12 -15.61
N TYR A 161 -23.09 -29.10 -15.25
CA TYR A 161 -22.14 -28.35 -15.99
C TYR A 161 -21.11 -29.35 -16.40
N LEU A 162 -20.79 -29.40 -17.69
CA LEU A 162 -19.75 -30.31 -18.20
C LEU A 162 -18.44 -29.61 -18.14
N ASP A 163 -17.39 -30.22 -17.63
CA ASP A 163 -16.11 -29.54 -17.58
C ASP A 163 -15.44 -29.42 -18.92
N ALA A 164 -14.91 -28.25 -19.20
CA ALA A 164 -14.15 -28.09 -20.42
C ALA A 164 -12.83 -27.35 -20.22
N ALA A 165 -12.02 -27.82 -19.30
CA ALA A 165 -10.67 -27.37 -19.12
C ALA A 165 -10.57 -25.87 -18.88
N HIS A 166 -9.61 -25.22 -19.53
CA HIS A 166 -9.29 -23.80 -19.33
C HIS A 166 -8.74 -23.15 -20.59
N GLY A 167 -8.75 -21.81 -20.64
CA GLY A 167 -8.36 -21.09 -21.84
C GLY A 167 -6.93 -21.43 -22.23
N GLY A 168 -6.08 -21.56 -21.23
CA GLY A 168 -4.69 -21.88 -21.42
C GLY A 168 -4.50 -23.21 -22.11
N TRP A 169 -5.48 -24.06 -22.02
CA TRP A 169 -5.38 -25.42 -22.62
C TRP A 169 -6.14 -25.49 -23.93
N LEU A 170 -7.37 -24.97 -23.99
CA LEU A 170 -8.26 -25.22 -25.15
C LEU A 170 -8.74 -23.95 -25.89
N ASN A 171 -8.40 -22.73 -25.43
CA ASN A 171 -8.86 -21.62 -26.27
C ASN A 171 -8.27 -21.73 -27.72
N SER A 172 -7.09 -22.33 -27.97
CA SER A 172 -6.66 -22.30 -29.40
C SER A 172 -7.26 -23.54 -30.12
N SER A 173 -8.10 -24.30 -29.38
CA SER A 173 -8.79 -25.44 -29.99
C SER A 173 -10.28 -25.40 -29.79
N ALA A 174 -10.94 -24.22 -29.78
CA ALA A 174 -12.28 -24.17 -29.41
C ALA A 174 -13.21 -25.04 -30.36
N ASP A 175 -12.89 -25.02 -31.65
CA ASP A 175 -13.73 -25.79 -32.59
C ASP A 175 -13.69 -27.31 -32.35
N ARG A 176 -12.51 -27.86 -32.13
CA ARG A 176 -12.47 -29.30 -31.86
C ARG A 176 -13.11 -29.62 -30.52
N THR A 177 -12.92 -28.72 -29.53
CA THR A 177 -13.64 -28.83 -28.25
C THR A 177 -15.12 -28.83 -28.37
N ALA A 178 -15.65 -27.95 -29.23
CA ALA A 178 -17.10 -27.92 -29.43
C ALA A 178 -17.54 -29.21 -30.14
N GLU A 179 -16.71 -29.74 -31.05
CA GLU A 179 -17.10 -30.90 -31.85
C GLU A 179 -17.27 -32.09 -30.91
N VAL A 180 -16.25 -32.24 -30.06
CA VAL A 180 -16.24 -33.30 -28.98
C VAL A 180 -17.45 -33.21 -28.07
N ILE A 181 -17.74 -32.02 -27.58
CA ILE A 181 -18.82 -31.81 -26.68
C ILE A 181 -20.17 -32.13 -27.37
N ALA A 182 -20.31 -31.68 -28.62
CA ALA A 182 -21.59 -31.92 -29.27
C ALA A 182 -21.81 -33.45 -29.45
N GLU A 183 -20.74 -34.18 -29.76
CA GLU A 183 -20.87 -35.65 -29.98
C GLU A 183 -21.35 -36.31 -28.68
N ILE A 184 -20.74 -35.89 -27.56
CA ILE A 184 -21.18 -36.45 -26.26
C ILE A 184 -22.64 -36.12 -25.93
N LEU A 185 -23.13 -34.92 -26.25
CA LEU A 185 -24.49 -34.52 -25.91
C LEU A 185 -25.42 -35.29 -26.84
N ARG A 186 -24.94 -35.59 -28.05
CA ARG A 186 -25.84 -36.37 -28.97
C ARG A 186 -26.16 -37.77 -28.49
N ASN A 187 -25.26 -38.32 -27.69
CA ASN A 187 -25.45 -39.65 -27.13
C ASN A 187 -25.87 -39.62 -25.69
N ALA A 188 -26.33 -38.47 -25.18
CA ALA A 188 -26.68 -38.36 -23.75
C ALA A 188 -28.20 -38.45 -23.54
N GLY A 189 -28.94 -39.06 -24.51
CA GLY A 189 -30.36 -39.26 -24.28
C GLY A 189 -31.14 -37.97 -24.16
N ASN A 190 -32.03 -37.91 -23.19
CA ASN A 190 -32.75 -36.72 -22.91
C ASN A 190 -32.05 -35.77 -21.89
N GLY A 191 -30.83 -36.12 -21.52
CA GLY A 191 -30.05 -35.35 -20.51
C GLY A 191 -29.70 -33.98 -21.10
N LYS A 192 -29.75 -32.91 -20.29
CA LYS A 192 -29.54 -31.54 -20.76
C LYS A 192 -28.53 -30.99 -19.79
N ILE A 193 -27.66 -30.13 -20.29
CA ILE A 193 -26.68 -29.44 -19.40
C ILE A 193 -27.05 -27.99 -19.35
N ARG A 194 -26.87 -27.38 -18.21
CA ARG A 194 -26.97 -25.95 -18.07
C ARG A 194 -25.83 -25.28 -18.81
N GLY A 195 -24.67 -25.88 -18.75
CA GLY A 195 -23.48 -25.21 -19.21
C GLY A 195 -22.17 -25.91 -19.05
N ILE A 196 -21.12 -25.12 -19.02
CA ILE A 196 -19.77 -25.59 -19.04
C ILE A 196 -19.03 -25.03 -17.87
N SER A 197 -18.19 -25.83 -17.21
CA SER A 197 -17.29 -25.26 -16.19
C SER A 197 -15.91 -25.10 -16.76
N THR A 198 -15.16 -24.03 -16.35
CA THR A 198 -13.80 -23.95 -16.74
C THR A 198 -12.95 -23.52 -15.52
N ASN A 199 -11.67 -23.64 -15.75
CA ASN A 199 -10.59 -23.22 -14.85
C ASN A 199 -10.49 -24.11 -13.60
N VAL A 200 -11.22 -25.23 -13.60
CA VAL A 200 -11.16 -26.17 -12.46
C VAL A 200 -9.78 -26.57 -12.07
N SER A 201 -9.43 -26.31 -10.78
CA SER A 201 -8.07 -26.66 -10.33
C SER A 201 -6.96 -25.83 -11.03
N ASN A 202 -7.36 -24.79 -11.73
CA ASN A 202 -6.30 -24.03 -12.45
C ASN A 202 -6.44 -22.53 -12.07
N TYR A 203 -5.57 -21.70 -12.68
CA TYR A 203 -5.30 -20.40 -12.03
C TYR A 203 -5.52 -19.26 -13.05
N GLN A 204 -6.20 -19.52 -14.16
CA GLN A 204 -6.35 -18.47 -15.22
C GLN A 204 -7.24 -17.38 -14.69
N PRO A 205 -6.94 -16.08 -15.08
CA PRO A 205 -7.75 -14.97 -14.74
C PRO A 205 -9.16 -15.06 -15.17
N VAL A 206 -10.11 -14.49 -14.43
CA VAL A 206 -11.52 -14.46 -14.92
C VAL A 206 -11.61 -13.84 -16.30
N TYR A 207 -10.89 -12.71 -16.46
CA TYR A 207 -11.06 -11.95 -17.79
C TYR A 207 -10.67 -12.82 -19.03
N SER A 208 -9.53 -13.55 -19.04
CA SER A 208 -9.17 -14.39 -20.13
C SER A 208 -10.06 -15.64 -20.20
N GLU A 209 -10.48 -16.14 -18.99
CA GLU A 209 -11.46 -17.27 -19.06
C GLU A 209 -12.70 -16.85 -19.77
N TYR A 210 -13.21 -15.62 -19.49
CA TYR A 210 -14.45 -15.24 -20.16
C TYR A 210 -14.23 -15.09 -21.69
N GLN A 211 -13.02 -14.66 -22.07
CA GLN A 211 -12.80 -14.60 -23.54
C GLN A 211 -12.85 -16.04 -24.12
N TYR A 212 -12.25 -17.00 -23.38
CA TYR A 212 -12.46 -18.41 -23.72
C TYR A 212 -13.95 -18.79 -23.74
N HIS A 213 -14.70 -18.46 -22.72
CA HIS A 213 -16.08 -18.85 -22.81
C HIS A 213 -16.71 -18.29 -24.08
N GLN A 214 -16.47 -17.02 -24.41
CA GLN A 214 -17.01 -16.49 -25.68
C GLN A 214 -16.58 -17.26 -26.92
N ASN A 215 -15.34 -17.74 -27.01
CA ASN A 215 -14.94 -18.39 -28.17
C ASN A 215 -15.60 -19.79 -28.16
N LEU A 216 -15.50 -20.47 -27.00
CA LEU A 216 -16.15 -21.83 -26.97
C LEU A 216 -17.60 -21.76 -27.24
N ASN A 217 -18.30 -20.76 -26.70
CA ASN A 217 -19.71 -20.63 -26.97
C ASN A 217 -20.07 -20.47 -28.45
N ARG A 218 -19.29 -19.66 -29.13
CA ARG A 218 -19.48 -19.42 -30.54
C ARG A 218 -19.28 -20.74 -31.27
N ALA A 219 -18.25 -21.46 -30.92
CA ALA A 219 -18.04 -22.76 -31.54
C ALA A 219 -19.12 -23.78 -31.21
N LEU A 220 -19.54 -23.81 -29.95
CA LEU A 220 -20.71 -24.70 -29.57
C LEU A 220 -21.97 -24.34 -30.39
N GLU A 221 -22.34 -23.04 -30.49
CA GLU A 221 -23.47 -22.60 -31.33
C GLU A 221 -23.27 -23.13 -32.77
N SER A 222 -22.09 -23.01 -33.32
CA SER A 222 -21.82 -23.46 -34.67
C SER A 222 -22.14 -24.95 -34.84
N ARG A 223 -22.02 -25.73 -33.77
CA ARG A 223 -22.25 -27.17 -33.85
C ARG A 223 -23.70 -27.52 -33.54
N GLY A 224 -24.47 -26.48 -33.26
CA GLY A 224 -25.89 -26.57 -32.77
C GLY A 224 -26.08 -26.73 -31.28
N VAL A 225 -25.06 -26.43 -30.46
CA VAL A 225 -25.31 -26.47 -29.05
C VAL A 225 -25.52 -25.01 -28.62
N ARG A 226 -26.76 -24.67 -28.39
CA ARG A 226 -27.18 -23.29 -28.07
C ARG A 226 -27.54 -23.05 -26.60
N GLY A 227 -27.45 -21.79 -26.17
CA GLY A 227 -27.96 -21.45 -24.85
C GLY A 227 -27.03 -21.78 -23.65
N MET A 228 -25.80 -22.18 -23.91
CA MET A 228 -24.94 -22.62 -22.80
C MET A 228 -24.59 -21.46 -21.92
N LYS A 229 -24.49 -21.78 -20.62
CA LYS A 229 -23.94 -20.79 -19.64
C LYS A 229 -22.63 -21.39 -19.06
N PHE A 230 -21.88 -20.61 -18.27
CA PHE A 230 -20.56 -21.00 -17.87
C PHE A 230 -20.42 -20.68 -16.38
N ILE A 231 -19.59 -21.49 -15.74
CA ILE A 231 -19.09 -21.12 -14.37
C ILE A 231 -17.58 -21.28 -14.44
N VAL A 232 -16.88 -20.45 -13.62
CA VAL A 232 -15.47 -20.48 -13.65
C VAL A 232 -15.01 -20.62 -12.14
N ASP A 233 -14.02 -21.48 -11.95
CA ASP A 233 -13.36 -21.80 -10.66
C ASP A 233 -12.45 -20.59 -10.33
N THR A 234 -12.83 -19.91 -9.28
CA THR A 234 -12.07 -18.73 -8.75
C THR A 234 -11.37 -19.07 -7.45
N SER A 235 -11.30 -20.38 -7.13
CA SER A 235 -10.53 -20.77 -5.88
C SER A 235 -9.10 -20.24 -5.86
N ARG A 236 -8.33 -20.38 -6.96
CA ARG A 236 -6.93 -20.04 -6.91
C ARG A 236 -6.46 -19.07 -7.97
N ASN A 237 -7.34 -18.13 -8.38
CA ASN A 237 -6.92 -17.35 -9.57
C ASN A 237 -6.91 -15.87 -9.21
N GLY A 238 -6.65 -15.57 -7.93
CA GLY A 238 -6.49 -14.11 -7.53
C GLY A 238 -5.28 -13.44 -8.20
N ARG A 239 -4.25 -14.18 -8.54
CA ARG A 239 -3.05 -13.64 -9.18
C ARG A 239 -2.78 -14.31 -10.50
N ASN A 240 -2.35 -13.56 -11.50
CA ASN A 240 -2.04 -14.19 -12.81
C ASN A 240 -0.93 -15.21 -12.66
N PRO A 241 -1.11 -16.36 -13.26
CA PRO A 241 -0.11 -17.45 -13.11
C PRO A 241 1.21 -17.14 -13.80
N SER A 242 2.33 -17.54 -13.21
CA SER A 242 3.62 -17.15 -13.80
C SER A 242 3.98 -18.02 -14.96
N SER A 243 3.29 -19.17 -15.04
CA SER A 243 3.68 -20.18 -16.01
C SER A 243 2.47 -21.15 -16.15
N ALA A 244 2.68 -22.13 -16.95
CA ALA A 244 1.69 -23.14 -17.23
C ALA A 244 1.70 -24.27 -16.15
N THR A 245 2.62 -24.18 -15.18
CA THR A 245 2.74 -25.22 -14.13
C THR A 245 1.36 -25.42 -13.43
N TRP A 246 0.78 -26.60 -13.57
CA TRP A 246 -0.46 -26.99 -12.91
C TRP A 246 -0.48 -27.32 -11.44
N CYS A 247 0.63 -27.78 -10.93
CA CYS A 247 0.78 -28.52 -9.72
C CYS A 247 1.26 -27.57 -8.59
N ASN A 248 0.38 -27.28 -7.66
CA ASN A 248 0.64 -26.45 -6.43
C ASN A 248 1.42 -25.18 -6.83
N LEU A 249 0.84 -24.41 -7.74
CA LEU A 249 1.55 -23.23 -8.28
C LEU A 249 1.91 -22.21 -7.24
N LYS A 250 3.21 -21.86 -7.19
CA LYS A 250 3.62 -20.79 -6.26
C LYS A 250 3.13 -19.40 -6.70
N GLY A 251 2.82 -18.57 -5.74
CA GLY A 251 2.36 -17.22 -6.02
C GLY A 251 0.91 -17.11 -6.37
N ALA A 252 0.14 -18.24 -6.39
CA ALA A 252 -1.34 -18.18 -6.41
C ALA A 252 -2.02 -17.52 -5.22
N GLY A 253 -3.19 -16.96 -5.45
CA GLY A 253 -4.00 -16.39 -4.37
C GLY A 253 -5.42 -16.92 -4.50
N LEU A 254 -6.16 -16.88 -3.42
CA LEU A 254 -7.58 -17.06 -3.46
C LEU A 254 -8.16 -15.98 -4.38
N GLY A 255 -9.13 -16.35 -5.18
CA GLY A 255 -9.77 -15.44 -6.10
C GLY A 255 -11.07 -14.87 -5.60
N ALA A 256 -11.91 -14.36 -6.48
CA ALA A 256 -13.16 -13.75 -6.11
C ALA A 256 -14.05 -14.73 -5.37
N ARG A 257 -14.81 -14.27 -4.39
CA ARG A 257 -15.61 -15.25 -3.61
C ARG A 257 -16.77 -15.72 -4.57
N PRO A 258 -17.34 -16.92 -4.25
CA PRO A 258 -18.45 -17.50 -5.05
C PRO A 258 -19.59 -16.51 -5.08
N GLN A 259 -20.20 -16.30 -6.28
CA GLN A 259 -21.20 -15.27 -6.46
C GLN A 259 -21.89 -15.61 -7.75
N ALA A 260 -23.20 -15.50 -7.73
CA ALA A 260 -24.03 -15.65 -8.94
C ALA A 260 -24.03 -14.35 -9.75
N ASN A 261 -24.11 -14.46 -11.08
CA ASN A 261 -24.25 -13.31 -12.00
C ASN A 261 -23.30 -12.17 -11.62
N PRO A 262 -22.01 -12.43 -11.55
CA PRO A 262 -21.20 -11.40 -10.89
C PRO A 262 -20.95 -10.18 -11.72
N ASP A 263 -21.09 -10.21 -13.06
CA ASP A 263 -20.88 -8.99 -13.87
C ASP A 263 -21.88 -8.91 -15.03
N PRO A 264 -22.66 -7.80 -15.14
CA PRO A 264 -23.63 -7.79 -16.26
C PRO A 264 -22.96 -7.68 -17.60
N ASN A 265 -21.69 -7.40 -17.61
CA ASN A 265 -20.92 -7.44 -18.83
C ASN A 265 -20.43 -8.84 -19.20
N MET A 266 -20.73 -9.82 -18.37
CA MET A 266 -20.42 -11.19 -18.66
C MET A 266 -21.71 -12.00 -18.54
N PRO A 267 -22.61 -11.80 -19.48
CA PRO A 267 -23.93 -12.42 -19.45
C PRO A 267 -23.88 -13.92 -19.58
N LEU A 268 -22.84 -14.47 -20.16
CA LEU A 268 -22.77 -15.97 -20.28
C LEU A 268 -22.38 -16.60 -18.97
N LEU A 269 -21.92 -15.77 -18.00
CA LEU A 269 -21.32 -16.37 -16.76
C LEU A 269 -22.31 -16.47 -15.65
N ASP A 270 -22.71 -17.72 -15.34
CA ASP A 270 -23.64 -17.91 -14.30
C ASP A 270 -23.05 -17.56 -12.90
N ALA A 271 -21.78 -17.85 -12.66
CA ALA A 271 -21.22 -17.71 -11.29
C ALA A 271 -19.75 -17.85 -11.27
N TYR A 272 -19.09 -17.19 -10.26
CA TYR A 272 -17.71 -17.62 -9.83
C TYR A 272 -18.00 -18.73 -8.79
N VAL A 273 -17.19 -19.76 -8.77
CA VAL A 273 -17.43 -20.88 -7.87
C VAL A 273 -16.08 -21.35 -7.39
N TRP A 274 -15.95 -21.79 -6.11
CA TRP A 274 -14.72 -22.38 -5.71
C TRP A 274 -14.88 -23.88 -5.92
N ILE A 275 -14.21 -24.38 -6.98
CA ILE A 275 -14.52 -25.75 -7.43
C ILE A 275 -13.45 -26.64 -6.89
N LYS A 276 -12.22 -26.43 -7.35
CA LYS A 276 -11.04 -26.96 -6.67
C LYS A 276 -11.07 -26.48 -5.20
N THR A 277 -10.67 -27.34 -4.26
CA THR A 277 -10.67 -26.97 -2.83
C THR A 277 -9.37 -26.26 -2.49
N PRO A 278 -9.43 -24.98 -2.22
CA PRO A 278 -8.19 -24.25 -2.04
C PRO A 278 -7.52 -24.70 -0.75
N GLY A 279 -6.26 -25.04 -0.85
CA GLY A 279 -5.49 -25.57 0.25
C GLY A 279 -5.31 -27.07 0.22
N GLU A 280 -6.14 -27.79 -0.53
CA GLU A 280 -5.78 -29.21 -0.85
C GLU A 280 -4.74 -29.35 -1.89
N SER A 281 -3.77 -30.21 -1.63
CA SER A 281 -2.73 -30.44 -2.57
C SER A 281 -3.24 -30.98 -3.93
N ASP A 282 -2.61 -30.57 -5.00
CA ASP A 282 -2.75 -31.11 -6.33
C ASP A 282 -2.13 -32.49 -6.52
N SER A 283 -1.02 -32.71 -5.86
CA SER A 283 -0.26 -33.95 -5.95
C SER A 283 0.95 -33.86 -5.05
N ALA A 284 1.51 -34.97 -4.66
CA ALA A 284 2.72 -34.93 -3.86
C ALA A 284 3.86 -34.48 -4.74
N SER A 285 4.85 -33.83 -4.15
CA SER A 285 5.86 -33.15 -4.94
C SER A 285 6.65 -34.15 -5.74
N SER A 286 6.56 -35.40 -5.30
CA SER A 286 7.37 -36.50 -5.86
C SER A 286 6.60 -37.34 -6.86
N ALA A 287 5.33 -37.01 -7.08
CA ALA A 287 4.41 -37.86 -7.84
C ALA A 287 4.39 -37.57 -9.35
N ASP A 288 4.92 -36.43 -9.76
CA ASP A 288 4.88 -36.03 -11.16
C ASP A 288 6.01 -35.08 -11.47
N PRO A 289 6.62 -35.18 -12.68
CA PRO A 289 7.72 -34.20 -12.97
C PRO A 289 7.30 -32.73 -12.78
N VAL A 290 6.07 -32.39 -13.16
CA VAL A 290 5.58 -30.99 -13.04
C VAL A 290 5.56 -30.49 -11.62
N CYS A 291 5.41 -31.41 -10.67
CA CYS A 291 5.41 -31.03 -9.27
C CYS A 291 6.81 -30.69 -8.73
N ARG A 292 7.84 -30.99 -9.53
CA ARG A 292 9.19 -30.54 -9.26
C ARG A 292 9.55 -29.26 -10.01
N ASN A 293 8.66 -28.67 -10.82
CA ASN A 293 8.99 -27.36 -11.46
C ASN A 293 9.46 -26.36 -10.40
N SER A 294 10.27 -25.37 -10.82
CA SER A 294 10.83 -24.43 -9.88
C SER A 294 9.70 -23.60 -9.30
N ASP A 295 8.58 -23.50 -10.01
CA ASP A 295 7.44 -22.70 -9.51
C ASP A 295 6.28 -23.56 -8.93
N SER A 296 6.61 -24.78 -8.51
CA SER A 296 5.67 -25.63 -7.77
C SER A 296 6.12 -25.70 -6.30
N LEU A 297 5.22 -25.40 -5.38
CA LEU A 297 5.55 -25.34 -3.94
C LEU A 297 5.88 -26.74 -3.43
N GLN A 298 7.14 -26.88 -2.96
CA GLN A 298 7.65 -28.18 -2.55
C GLN A 298 7.14 -28.57 -1.21
N GLY A 299 7.30 -29.82 -0.88
CA GLY A 299 6.77 -30.33 0.36
C GLY A 299 5.31 -30.70 0.34
N ALA A 300 4.75 -30.86 -0.84
CA ALA A 300 3.30 -31.05 -0.87
C ALA A 300 3.02 -32.51 -0.52
N PRO A 301 1.96 -32.74 0.23
CA PRO A 301 1.42 -34.06 0.48
C PRO A 301 0.64 -34.58 -0.73
N ALA A 302 0.12 -35.79 -0.61
CA ALA A 302 -0.60 -36.44 -1.70
C ALA A 302 -1.79 -35.59 -2.18
N ALA A 303 -2.16 -35.80 -3.44
CA ALA A 303 -3.35 -35.12 -4.01
C ALA A 303 -4.54 -35.21 -3.07
N GLY A 304 -5.20 -34.11 -2.83
CA GLY A 304 -6.38 -34.10 -2.02
C GLY A 304 -6.18 -33.87 -0.51
N SER A 305 -4.97 -34.03 -0.05
CA SER A 305 -4.62 -33.83 1.34
C SER A 305 -4.40 -32.36 1.63
N TRP A 306 -4.74 -31.92 2.82
CA TRP A 306 -4.53 -30.55 3.21
C TRP A 306 -3.09 -30.16 3.27
N PHE A 307 -2.78 -29.01 2.68
CA PHE A 307 -1.43 -28.51 2.48
C PHE A 307 -1.37 -27.12 3.13
N HIS A 308 -1.05 -27.10 4.41
CA HIS A 308 -1.23 -25.93 5.23
C HIS A 308 -0.44 -24.76 4.73
N ASP A 309 0.78 -25.01 4.26
CA ASP A 309 1.63 -23.90 3.84
C ASP A 309 1.14 -23.32 2.51
N TYR A 310 0.51 -24.16 1.70
CA TYR A 310 -0.08 -23.65 0.47
C TYR A 310 -1.35 -22.86 0.76
N PHE A 311 -2.19 -23.30 1.69
CA PHE A 311 -3.35 -22.59 2.08
C PHE A 311 -2.92 -21.18 2.59
N VAL A 312 -1.93 -21.14 3.46
CA VAL A 312 -1.43 -19.82 3.95
C VAL A 312 -1.05 -18.89 2.81
N MET A 313 -0.27 -19.38 1.88
CA MET A 313 0.10 -18.57 0.72
C MET A 313 -1.12 -18.06 -0.05
N LEU A 314 -2.07 -18.96 -0.33
CA LEU A 314 -3.31 -18.48 -0.93
C LEU A 314 -4.00 -17.37 -0.18
N LEU A 315 -4.04 -17.48 1.17
CA LEU A 315 -4.72 -16.50 2.00
C LEU A 315 -3.92 -15.18 1.85
N GLU A 316 -2.60 -15.30 1.88
CA GLU A 316 -1.78 -14.03 1.88
C GLU A 316 -1.96 -13.34 0.54
N ASN A 317 -2.06 -14.15 -0.52
CA ASN A 317 -2.15 -13.65 -1.92
C ASN A 317 -3.54 -13.38 -2.42
N ALA A 318 -4.52 -13.53 -1.57
CA ALA A 318 -5.98 -13.42 -1.91
C ALA A 318 -6.26 -12.10 -2.68
N ASN A 319 -6.99 -12.18 -3.73
CA ASN A 319 -7.38 -10.99 -4.47
C ASN A 319 -8.80 -11.17 -4.94
N PRO A 320 -9.76 -10.42 -4.39
CA PRO A 320 -9.54 -9.37 -3.40
C PRO A 320 -9.18 -9.89 -2.00
N PRO A 321 -8.53 -9.03 -1.24
CA PRO A 321 -8.04 -9.35 0.12
C PRO A 321 -9.10 -9.75 1.18
N PHE A 322 -8.83 -10.71 2.10
CA PHE A 322 -9.74 -11.00 3.28
C PHE A 322 -9.70 -9.99 4.40
N THR B 1 -23.14 27.19 28.76
CA THR B 1 -22.62 26.22 29.78
C THR B 1 -21.15 25.74 29.60
N SER B 2 -20.87 24.85 28.64
CA SER B 2 -19.49 24.28 28.48
C SER B 2 -18.37 25.33 28.33
N ASP B 3 -17.29 25.20 29.08
CA ASP B 3 -16.17 26.09 28.91
C ASP B 3 -15.25 25.68 27.75
N ASN B 4 -15.55 24.56 27.14
CA ASN B 4 -14.87 24.13 25.90
C ASN B 4 -15.67 24.43 24.71
N PHE B 5 -15.42 25.63 24.12
CA PHE B 5 -16.23 26.08 22.97
C PHE B 5 -16.07 25.24 21.72
N PHE B 6 -15.08 24.32 21.68
CA PHE B 6 -14.98 23.41 20.57
C PHE B 6 -15.97 22.27 20.65
N GLU B 7 -16.62 22.10 21.77
CA GLU B 7 -17.78 21.17 21.79
C GLU B 7 -19.03 21.61 21.00
N ASN B 8 -19.06 22.79 20.46
CA ASN B 8 -20.16 23.31 19.65
C ASN B 8 -19.78 23.12 18.20
N GLU B 9 -20.70 23.20 17.24
CA GLU B 9 -20.33 23.19 15.84
C GLU B 9 -19.37 24.35 15.54
N LEU B 10 -18.36 24.09 14.73
CA LEU B 10 -17.34 25.14 14.46
C LEU B 10 -17.60 25.85 13.20
N TYR B 11 -17.42 27.16 13.22
CA TYR B 11 -17.55 27.94 12.00
C TYR B 11 -16.57 27.72 10.90
N SER B 12 -17.04 27.58 9.67
CA SER B 12 -16.17 27.49 8.46
C SER B 12 -16.32 28.83 7.73
N ASN B 13 -15.21 29.58 7.57
CA ASN B 13 -15.34 30.91 7.01
C ASN B 13 -15.15 31.11 5.52
N TYR B 14 -15.66 32.22 4.98
CA TYR B 14 -15.65 32.47 3.52
C TYR B 14 -14.25 32.63 2.94
N LYS B 15 -13.27 33.02 3.77
CA LYS B 15 -11.97 33.35 3.23
C LYS B 15 -11.21 31.97 2.83
N PHE B 16 -11.34 31.02 3.72
CA PHE B 16 -10.63 29.69 3.53
C PHE B 16 -11.44 28.95 2.44
N GLN B 17 -12.77 29.12 2.47
CA GLN B 17 -13.60 28.52 1.39
C GLN B 17 -13.16 29.00 0.06
N GLY B 18 -12.86 30.29 -0.03
CA GLY B 18 -12.53 30.92 -1.26
C GLY B 18 -11.13 30.52 -1.67
N GLU B 19 -10.22 30.30 -0.68
CA GLU B 19 -8.84 29.86 -0.99
C GLU B 19 -8.90 28.42 -1.59
N VAL B 20 -9.63 27.53 -0.91
CA VAL B 20 -9.76 26.11 -1.39
C VAL B 20 -10.40 26.08 -2.78
N ASP B 21 -11.36 27.00 -3.01
CA ASP B 21 -11.91 27.15 -4.40
C ASP B 21 -10.85 27.44 -5.42
N GLN B 22 -9.85 28.27 -5.08
CA GLN B 22 -8.80 28.59 -6.05
C GLN B 22 -8.07 27.33 -6.48
N SER B 23 -7.82 26.46 -5.51
CA SER B 23 -7.15 25.16 -5.81
C SER B 23 -8.09 24.20 -6.52
N ILE B 24 -9.37 24.14 -6.11
CA ILE B 24 -10.36 23.27 -6.77
C ILE B 24 -10.40 23.59 -8.27
N GLN B 25 -10.45 24.88 -8.61
CA GLN B 25 -10.48 25.31 -10.04
C GLN B 25 -9.26 24.85 -10.78
N ARG B 26 -8.15 24.58 -10.10
CA ARG B 26 -6.89 24.18 -10.80
C ARG B 26 -6.58 22.68 -10.80
N LEU B 27 -7.50 21.90 -10.26
CA LEU B 27 -7.27 20.47 -10.12
C LEU B 27 -8.24 19.68 -10.97
N SER B 28 -7.83 18.45 -11.28
CA SER B 28 -8.67 17.52 -12.03
C SER B 28 -8.69 16.15 -11.36
N GLY B 29 -9.76 15.39 -11.62
CA GLY B 29 -9.93 14.05 -11.10
C GLY B 29 -9.95 13.86 -9.59
N SER B 30 -9.19 12.88 -9.11
CA SER B 30 -9.25 12.45 -7.71
C SER B 30 -8.85 13.53 -6.70
N LEU B 31 -7.80 14.26 -7.00
CA LEU B 31 -7.32 15.35 -6.09
C LEU B 31 -8.36 16.46 -6.03
N GLN B 32 -9.02 16.73 -7.14
CA GLN B 32 -10.04 17.78 -7.13
C GLN B 32 -11.14 17.34 -6.18
N GLU B 33 -11.48 16.06 -6.17
CA GLU B 33 -12.49 15.60 -5.23
C GLU B 33 -12.13 15.71 -3.75
N LYS B 34 -10.89 15.35 -3.44
CA LYS B 34 -10.35 15.52 -2.11
C LYS B 34 -10.35 17.02 -1.68
N ALA B 35 -9.99 17.91 -2.60
CA ALA B 35 -9.92 19.32 -2.27
C ALA B 35 -11.32 19.85 -1.96
N LYS B 36 -12.36 19.35 -2.66
CA LYS B 36 -13.74 19.72 -2.26
C LYS B 36 -14.12 19.28 -0.85
N LYS B 37 -13.55 18.17 -0.34
CA LYS B 37 -13.82 17.76 1.04
C LYS B 37 -13.02 18.55 2.07
N VAL B 38 -11.99 19.30 1.65
CA VAL B 38 -11.25 20.11 2.64
C VAL B 38 -11.90 21.49 2.77
N LYS B 39 -12.50 21.96 1.69
CA LYS B 39 -13.12 23.33 1.61
C LYS B 39 -13.92 23.80 2.84
N TYR B 40 -14.68 22.86 3.47
CA TYR B 40 -15.55 23.23 4.56
C TYR B 40 -15.00 22.82 5.92
N VAL B 41 -13.70 22.42 5.98
CA VAL B 41 -13.13 21.98 7.26
C VAL B 41 -12.83 23.33 7.96
N PRO B 42 -13.25 23.48 9.21
CA PRO B 42 -13.17 24.82 9.85
C PRO B 42 -11.65 25.15 10.15
N THR B 43 -11.30 26.39 9.90
CA THR B 43 -9.95 26.90 10.12
C THR B 43 -10.05 28.20 10.88
N ALA B 44 -9.05 28.49 11.65
CA ALA B 44 -9.02 29.76 12.37
C ALA B 44 -8.93 30.98 11.41
N ALA B 45 -9.52 32.13 11.84
CA ALA B 45 -9.40 33.36 11.10
C ALA B 45 -8.34 34.19 11.80
N TRP B 46 -7.34 34.62 11.06
CA TRP B 46 -6.27 35.43 11.64
C TRP B 46 -6.58 36.90 11.61
N LEU B 47 -6.28 37.55 12.71
CA LEU B 47 -6.37 39.00 12.83
C LEU B 47 -4.91 39.53 12.88
N ALA B 48 -4.43 39.91 11.70
CA ALA B 48 -2.93 39.92 11.51
C ALA B 48 -2.45 41.11 10.75
N TRP B 49 -3.28 42.13 10.62
CA TRP B 49 -2.95 43.37 9.94
C TRP B 49 -3.85 44.48 10.36
N SER B 50 -3.50 45.73 10.05
CA SER B 50 -4.17 46.87 10.66
C SER B 50 -5.71 46.90 10.42
N GLY B 51 -6.10 46.57 9.20
CA GLY B 51 -7.50 46.54 8.86
C GLY B 51 -8.20 45.26 9.35
N ALA B 52 -7.50 44.36 10.11
CA ALA B 52 -8.25 43.13 10.57
C ALA B 52 -9.34 43.50 11.58
N THR B 53 -9.22 44.66 12.24
CA THR B 53 -10.24 45.14 13.17
C THR B 53 -11.56 45.34 12.45
N ASN B 54 -11.48 45.66 11.15
CA ASN B 54 -12.65 45.89 10.30
C ASN B 54 -13.22 44.60 9.69
N GLU B 55 -12.64 43.46 10.07
CA GLU B 55 -13.04 42.17 9.51
C GLU B 55 -13.78 41.36 10.51
N VAL B 56 -13.64 41.71 11.80
CA VAL B 56 -14.20 40.88 12.87
C VAL B 56 -15.74 40.76 12.70
N ALA B 57 -16.43 41.91 12.43
CA ALA B 57 -17.88 41.85 12.42
C ALA B 57 -18.47 40.95 11.37
N ARG B 58 -17.87 40.94 10.21
CA ARG B 58 -18.34 40.10 9.18
C ARG B 58 -18.25 38.63 9.53
N TYR B 59 -17.09 38.19 10.12
CA TYR B 59 -17.06 36.77 10.59
C TYR B 59 -18.15 36.49 11.60
N LEU B 60 -18.30 37.41 12.55
CA LEU B 60 -19.26 37.16 13.61
C LEU B 60 -20.71 37.20 13.03
N ASN B 61 -20.93 38.08 12.06
CA ASN B 61 -22.30 38.11 11.37
C ASN B 61 -22.54 36.78 10.64
N GLU B 62 -21.51 36.22 10.01
CA GLU B 62 -21.71 35.02 9.18
C GLU B 62 -21.71 33.74 9.98
N ALA B 63 -21.11 33.74 11.16
CA ALA B 63 -20.97 32.50 11.93
C ALA B 63 -22.25 32.12 12.67
N GLY B 64 -23.12 33.09 13.00
CA GLY B 64 -24.27 32.77 13.89
C GLY B 64 -23.89 32.16 15.22
N SER B 65 -24.38 30.96 15.55
CA SER B 65 -24.04 30.46 16.84
C SER B 65 -22.80 29.46 16.81
N LYS B 66 -22.21 29.28 15.66
CA LYS B 66 -21.04 28.32 15.48
C LYS B 66 -19.81 28.92 16.08
N THR B 67 -18.89 28.08 16.59
CA THR B 67 -17.80 28.65 17.41
C THR B 67 -16.84 29.27 16.36
N VAL B 68 -16.48 30.52 16.63
CA VAL B 68 -15.55 31.26 15.79
C VAL B 68 -14.19 31.16 16.48
N VAL B 69 -13.15 30.90 15.68
CA VAL B 69 -11.78 30.89 16.25
C VAL B 69 -10.96 32.01 15.55
N PHE B 70 -10.47 32.94 16.36
CA PHE B 70 -9.66 34.01 15.88
C PHE B 70 -8.21 33.78 16.42
N VAL B 71 -7.24 34.21 15.58
CA VAL B 71 -5.82 34.33 16.06
C VAL B 71 -5.45 35.83 16.12
N LEU B 72 -5.16 36.31 17.32
CA LEU B 72 -4.71 37.69 17.51
C LEU B 72 -3.19 37.67 17.24
N TYR B 73 -2.79 38.35 16.17
CA TYR B 73 -1.36 38.33 15.71
C TYR B 73 -0.99 39.72 15.30
N MET B 74 -0.89 40.57 16.31
CA MET B 74 -0.78 42.01 16.01
C MET B 74 0.30 42.69 16.81
N ILE B 75 1.13 41.92 17.51
CA ILE B 75 2.19 42.49 18.30
C ILE B 75 3.23 43.21 17.43
N PRO B 76 3.46 44.52 17.68
CA PRO B 76 4.45 45.34 16.97
C PRO B 76 5.81 44.60 17.01
N THR B 77 6.44 44.47 15.85
CA THR B 77 7.73 43.83 15.82
C THR B 77 7.94 42.46 16.48
N ARG B 78 7.50 41.37 15.86
CA ARG B 78 7.78 40.04 16.42
C ARG B 78 9.27 39.74 16.70
N ASP B 79 10.16 40.64 16.30
CA ASP B 79 11.59 40.41 16.48
C ASP B 79 12.36 41.71 16.79
N CYS B 80 13.12 41.69 17.85
CA CYS B 80 13.73 42.88 18.45
C CYS B 80 14.99 43.55 17.89
N ASN B 81 14.75 44.58 17.07
CA ASN B 81 15.80 45.48 16.55
C ASN B 81 17.09 44.75 16.14
N ALA B 82 16.95 43.55 15.58
CA ALA B 82 18.11 42.83 15.04
C ALA B 82 18.28 43.26 13.59
N GLY B 83 17.22 43.84 13.04
CA GLY B 83 17.22 44.37 11.68
C GLY B 83 17.56 45.86 11.67
N GLY B 84 16.58 46.70 11.95
CA GLY B 84 15.28 46.27 12.48
C GLY B 84 14.16 46.15 11.49
N SER B 85 13.16 45.35 11.83
CA SER B 85 12.04 45.11 10.92
C SER B 85 10.67 45.74 11.26
N ASN B 86 10.44 46.17 12.50
CA ASN B 86 9.08 46.63 12.86
C ASN B 86 8.86 48.07 13.38
N GLY B 87 8.91 48.26 14.70
CA GLY B 87 8.37 49.48 15.37
C GLY B 87 9.03 50.30 16.47
N GLY B 88 8.91 51.64 16.40
CA GLY B 88 9.38 52.50 17.48
C GLY B 88 8.53 53.52 18.26
N ALA B 89 7.45 54.06 17.63
CA ALA B 89 6.76 55.28 18.13
C ALA B 89 6.05 55.26 19.52
N ASP B 90 4.96 54.51 19.54
CA ASP B 90 4.25 54.11 20.74
C ASP B 90 3.66 52.72 20.49
N ASN B 91 4.51 51.70 20.43
CA ASN B 91 4.08 50.37 20.02
C ASN B 91 3.02 49.74 20.93
N LEU B 92 3.20 49.90 22.22
CA LEU B 92 2.25 49.36 23.26
C LEU B 92 0.88 50.08 23.13
N SER B 93 0.94 51.41 23.04
CA SER B 93 -0.35 52.14 23.10
C SER B 93 -1.15 51.80 21.83
N THR B 94 -0.45 51.64 20.70
CA THR B 94 -0.98 51.25 19.44
C THR B 94 -1.64 49.85 19.49
N TYR B 95 -0.95 48.90 20.12
CA TYR B 95 -1.48 47.53 20.28
C TYR B 95 -2.74 47.61 21.14
N GLN B 96 -2.70 48.34 22.23
CA GLN B 96 -3.93 48.49 23.09
C GLN B 96 -5.18 48.95 22.27
N GLY B 97 -4.94 49.84 21.34
CA GLY B 97 -5.97 50.37 20.43
C GLY B 97 -6.54 49.26 19.59
N TYR B 98 -5.69 48.39 19.04
CA TYR B 98 -6.16 47.30 18.22
C TYR B 98 -6.95 46.29 19.07
N VAL B 99 -6.43 45.94 20.24
CA VAL B 99 -7.08 45.06 21.23
C VAL B 99 -8.50 45.64 21.58
N ASN B 100 -8.51 46.93 21.92
CA ASN B 100 -9.81 47.57 22.32
C ASN B 100 -10.80 47.52 21.20
N SER B 101 -10.38 47.82 19.96
CA SER B 101 -11.32 47.74 18.84
C SER B 101 -12.01 46.36 18.73
N ILE B 102 -11.19 45.29 18.71
CA ILE B 102 -11.77 43.96 18.62
C ILE B 102 -12.61 43.59 19.84
N TYR B 103 -12.17 43.93 21.02
CA TYR B 103 -12.87 43.68 22.24
C TYR B 103 -14.22 44.40 22.18
N ASN B 104 -14.24 45.64 21.76
CA ASN B 104 -15.57 46.40 21.72
C ASN B 104 -16.52 45.80 20.68
N THR B 105 -15.96 45.40 19.53
CA THR B 105 -16.73 44.67 18.54
C THR B 105 -17.34 43.40 19.10
N ILE B 106 -16.52 42.61 19.79
CA ILE B 106 -17.06 41.37 20.34
C ILE B 106 -18.19 41.58 21.35
N ASN B 107 -18.16 42.70 22.07
CA ASN B 107 -19.26 43.02 23.05
C ASN B 107 -20.64 43.14 22.37
N GLN B 108 -20.66 43.39 21.09
CA GLN B 108 -21.86 43.47 20.30
C GLN B 108 -22.49 42.12 19.98
N TYR B 109 -21.81 41.03 20.32
CA TYR B 109 -22.27 39.74 19.91
C TYR B 109 -22.32 38.78 21.08
N PRO B 110 -23.22 39.06 22.03
CA PRO B 110 -23.30 38.31 23.27
C PRO B 110 -23.68 36.84 23.08
N ASN B 111 -24.32 36.49 21.99
CA ASN B 111 -24.74 35.09 21.88
C ASN B 111 -23.74 34.32 21.04
N SER B 112 -22.70 34.99 20.57
CA SER B 112 -21.61 34.22 19.84
C SER B 112 -20.75 33.45 20.78
N ARG B 113 -19.95 32.48 20.23
CA ARG B 113 -19.00 31.73 21.12
C ARG B 113 -17.68 31.85 20.37
N ILE B 114 -16.72 32.50 20.98
CA ILE B 114 -15.57 32.93 20.21
C ILE B 114 -14.37 32.36 21.00
N VAL B 115 -13.45 31.74 20.26
CA VAL B 115 -12.21 31.36 20.92
C VAL B 115 -11.10 32.33 20.38
N MET B 116 -10.35 32.92 21.29
CA MET B 116 -9.29 33.88 20.95
C MET B 116 -7.93 33.28 21.33
N ILE B 117 -7.11 33.09 20.27
CA ILE B 117 -5.74 32.60 20.48
C ILE B 117 -4.77 33.75 20.41
N ILE B 118 -4.06 33.92 21.52
CA ILE B 118 -3.27 35.15 21.69
C ILE B 118 -1.79 34.95 21.21
N GLU B 119 -1.48 35.64 20.14
CA GLU B 119 -0.08 36.03 19.74
C GLU B 119 0.94 34.85 19.64
N PRO B 120 0.73 34.01 18.66
CA PRO B 120 1.74 32.91 18.37
C PRO B 120 3.12 33.55 18.21
N ASP B 121 4.08 32.82 18.79
CA ASP B 121 5.54 33.05 18.70
C ASP B 121 6.11 34.03 19.73
N THR B 122 5.24 34.58 20.57
CA THR B 122 5.68 35.66 21.45
C THR B 122 6.30 34.98 22.70
N ILE B 123 5.59 34.04 23.29
CA ILE B 123 6.07 33.33 24.45
C ILE B 123 7.38 32.57 24.13
N GLY B 124 7.48 31.94 22.96
CA GLY B 124 8.73 31.19 22.64
C GLY B 124 9.90 32.17 22.73
N ASN B 125 9.75 33.33 22.05
CA ASN B 125 10.84 34.31 21.99
C ASN B 125 11.15 34.92 23.36
N LEU B 126 10.13 35.13 24.20
CA LEU B 126 10.38 35.65 25.54
C LEU B 126 11.24 34.66 26.31
N VAL B 127 11.02 33.38 26.06
CA VAL B 127 11.67 32.34 26.88
C VAL B 127 13.09 32.12 26.34
N THR B 128 13.26 32.08 25.04
CA THR B 128 14.57 31.69 24.56
C THR B 128 15.46 32.76 23.94
N ALA B 129 14.92 33.77 23.30
CA ALA B 129 15.79 34.67 22.57
C ALA B 129 16.63 35.50 23.50
N ASN B 130 17.90 35.64 23.09
CA ASN B 130 19.00 36.09 23.95
C ASN B 130 18.57 37.21 24.92
N ASN B 131 17.84 38.18 24.41
CA ASN B 131 17.29 39.23 25.26
C ASN B 131 18.30 40.37 25.60
N ALA B 132 19.53 40.23 25.14
CA ALA B 132 20.59 41.18 25.52
C ALA B 132 20.23 42.60 25.08
N ASN B 133 19.71 42.74 23.87
CA ASN B 133 19.17 44.02 23.42
C ASN B 133 17.72 43.88 22.90
N CYS B 134 17.04 42.83 23.33
CA CYS B 134 15.59 42.72 23.23
C CYS B 134 14.84 43.19 24.49
N ARG B 135 15.58 43.66 25.48
CA ARG B 135 15.00 44.03 26.80
C ARG B 135 13.69 44.82 26.80
N ASN B 136 13.70 45.96 26.10
CA ASN B 136 12.56 46.87 26.13
C ASN B 136 11.44 46.28 25.30
N VAL B 137 11.83 45.66 24.17
CA VAL B 137 10.90 44.90 23.32
C VAL B 137 10.22 43.76 24.10
N HIS B 138 11.00 42.96 24.82
CA HIS B 138 10.50 41.87 25.62
C HIS B 138 9.60 42.30 26.77
N ASP B 139 9.92 43.42 27.41
CA ASP B 139 9.03 43.97 28.45
C ASP B 139 7.72 44.46 27.77
N MET B 140 7.84 45.07 26.61
CA MET B 140 6.64 45.55 25.92
C MET B 140 5.77 44.34 25.49
N HIS B 141 6.40 43.26 25.03
CA HIS B 141 5.67 42.05 24.67
C HIS B 141 4.90 41.42 25.80
N LYS B 142 5.50 41.35 26.98
CA LYS B 142 4.80 40.88 28.16
C LYS B 142 3.56 41.74 28.49
N GLN B 143 3.76 43.05 28.44
CA GLN B 143 2.68 43.98 28.70
C GLN B 143 1.55 43.78 27.70
N ALA B 144 1.88 43.64 26.42
CA ALA B 144 0.92 43.47 25.34
C ALA B 144 0.11 42.19 25.58
N LEU B 145 0.79 41.08 25.93
CA LEU B 145 0.08 39.85 26.20
C LEU B 145 -0.87 40.03 27.41
N SER B 146 -0.37 40.65 28.48
CA SER B 146 -1.16 40.76 29.67
C SER B 146 -2.41 41.66 29.34
N TYR B 147 -2.16 42.67 28.51
CA TYR B 147 -3.24 43.68 28.08
C TYR B 147 -4.28 42.92 27.31
N ALA B 148 -3.83 42.12 26.32
CA ALA B 148 -4.84 41.33 25.58
C ALA B 148 -5.69 40.41 26.47
N ILE B 149 -5.05 39.72 27.43
CA ILE B 149 -5.77 38.83 28.31
C ILE B 149 -6.74 39.66 29.21
N SER B 150 -6.29 40.84 29.67
CA SER B 150 -7.10 41.68 30.61
C SER B 150 -8.41 42.10 29.93
N LYS B 151 -8.45 42.10 28.60
CA LYS B 151 -9.71 42.43 27.84
C LYS B 151 -10.45 41.19 27.48
N PHE B 152 -9.87 40.41 26.54
CA PHE B 152 -10.60 39.22 26.09
C PHE B 152 -10.89 38.21 27.17
N GLY B 153 -10.08 38.14 28.23
CA GLY B 153 -10.21 37.13 29.26
C GLY B 153 -11.32 37.51 30.29
N THR B 154 -12.00 38.64 30.06
CA THR B 154 -13.23 39.04 30.83
C THR B 154 -14.53 38.95 30.05
N GLN B 155 -14.48 38.57 28.81
CA GLN B 155 -15.66 38.46 28.06
C GLN B 155 -16.36 37.11 28.19
N LYS B 156 -17.66 37.12 28.52
CA LYS B 156 -18.31 35.82 28.75
C LYS B 156 -18.51 35.01 27.48
N ASN B 157 -18.56 35.67 26.36
CA ASN B 157 -18.74 35.07 25.07
C ASN B 157 -17.34 34.60 24.40
N VAL B 158 -16.32 34.72 25.19
CA VAL B 158 -14.95 34.42 24.65
C VAL B 158 -14.28 33.39 25.56
N ARG B 159 -13.46 32.45 24.97
CA ARG B 159 -12.55 31.60 25.77
C ARG B 159 -11.10 31.84 25.20
N VAL B 160 -10.20 32.25 26.06
CA VAL B 160 -8.89 32.68 25.53
C VAL B 160 -7.87 31.49 25.64
N TYR B 161 -7.03 31.28 24.62
CA TYR B 161 -5.82 30.34 24.82
C TYR B 161 -4.61 31.14 24.49
N LEU B 162 -3.67 31.17 25.41
CA LEU B 162 -2.42 31.87 25.25
C LEU B 162 -1.45 30.95 24.52
N ASP B 163 -0.83 31.40 23.45
CA ASP B 163 0.05 30.55 22.69
C ASP B 163 1.34 30.31 23.40
N ALA B 164 1.81 29.08 23.37
CA ALA B 164 3.09 28.75 23.94
C ALA B 164 3.97 27.85 23.04
N ALA B 165 4.15 28.26 21.81
CA ALA B 165 5.07 27.62 20.92
C ALA B 165 4.77 26.15 20.75
N HIS B 166 5.82 25.32 20.82
CA HIS B 166 5.70 23.90 20.63
C HIS B 166 6.81 23.14 21.30
N GLY B 167 6.67 21.84 21.37
CA GLY B 167 7.56 21.08 22.23
C GLY B 167 8.98 21.20 21.72
N GLY B 168 9.13 21.16 20.40
CA GLY B 168 10.48 21.22 19.75
C GLY B 168 11.22 22.47 20.18
N TRP B 169 10.45 23.44 20.67
CA TRP B 169 11.05 24.72 21.08
C TRP B 169 11.15 24.82 22.58
N LEU B 170 10.09 24.54 23.36
CA LEU B 170 10.04 24.84 24.76
C LEU B 170 9.94 23.67 25.70
N ASN B 171 9.87 22.44 25.20
CA ASN B 171 9.76 21.34 26.14
C ASN B 171 10.99 21.27 27.10
N SER B 172 12.13 21.75 26.67
CA SER B 172 13.31 21.64 27.61
C SER B 172 13.33 22.85 28.52
N SER B 173 12.38 23.79 28.32
CA SER B 173 12.34 25.00 29.14
C SER B 173 10.95 25.17 29.72
N ALA B 174 10.33 24.06 30.10
CA ALA B 174 8.98 24.12 30.69
C ALA B 174 8.82 25.04 31.94
N ASP B 175 9.77 24.98 32.85
CA ASP B 175 9.59 25.78 34.06
C ASP B 175 9.67 27.30 33.76
N ARG B 176 10.66 27.71 32.97
CA ARG B 176 10.84 29.11 32.56
C ARG B 176 9.62 29.58 31.76
N THR B 177 9.16 28.73 30.84
CA THR B 177 7.86 29.01 30.17
C THR B 177 6.72 29.26 31.15
N ALA B 178 6.51 28.34 32.09
CA ALA B 178 5.50 28.46 33.16
C ALA B 178 5.65 29.76 33.95
N GLU B 179 6.90 30.11 34.20
CA GLU B 179 7.18 31.32 34.94
C GLU B 179 6.71 32.58 34.18
N VAL B 180 7.13 32.68 32.93
CA VAL B 180 6.72 33.75 32.00
C VAL B 180 5.18 33.82 31.94
N ILE B 181 4.53 32.69 31.70
CA ILE B 181 3.05 32.67 31.69
C ILE B 181 2.46 33.13 33.00
N ALA B 182 2.96 32.61 34.11
CA ALA B 182 2.38 33.00 35.42
C ALA B 182 2.42 34.53 35.59
N GLU B 183 3.55 35.07 35.18
CA GLU B 183 3.80 36.55 35.34
C GLU B 183 2.92 37.35 34.43
N ILE B 184 2.67 36.84 33.25
CA ILE B 184 1.70 37.48 32.36
C ILE B 184 0.29 37.49 32.99
N LEU B 185 -0.10 36.34 33.52
CA LEU B 185 -1.41 36.16 34.13
C LEU B 185 -1.57 37.06 35.35
N ARG B 186 -0.50 37.14 36.12
CA ARG B 186 -0.47 38.01 37.32
C ARG B 186 -0.73 39.46 36.92
N ASN B 187 -0.29 39.92 35.75
CA ASN B 187 -0.44 41.31 35.31
C ASN B 187 -1.66 41.60 34.40
N ALA B 188 -2.55 40.61 34.27
CA ALA B 188 -3.57 40.68 33.23
C ALA B 188 -4.90 41.12 33.91
N GLY B 189 -4.83 41.84 35.03
CA GLY B 189 -6.12 42.39 35.65
C GLY B 189 -7.05 41.29 36.10
N ASN B 190 -8.28 41.35 35.63
CA ASN B 190 -9.25 40.36 35.91
C ASN B 190 -9.35 39.25 34.80
N GLY B 191 -8.51 39.28 33.76
CA GLY B 191 -8.78 38.41 32.63
C GLY B 191 -8.26 37.00 33.03
N LYS B 192 -8.95 35.98 32.56
CA LYS B 192 -8.66 34.55 32.84
C LYS B 192 -8.51 33.88 31.46
N ILE B 193 -7.64 32.86 31.40
CA ILE B 193 -7.52 32.08 30.15
C ILE B 193 -8.10 30.67 30.41
N ARG B 194 -8.69 30.08 29.40
CA ARG B 194 -9.05 28.71 29.38
C ARG B 194 -7.79 27.83 29.37
N GLY B 195 -6.79 28.31 28.67
CA GLY B 195 -5.63 27.49 28.42
C GLY B 195 -4.56 27.95 27.44
N ILE B 196 -3.88 26.97 26.84
CA ILE B 196 -2.67 27.19 26.07
C ILE B 196 -2.78 26.61 24.69
N SER B 197 -2.32 27.31 23.65
CA SER B 197 -2.33 26.72 22.33
C SER B 197 -0.84 26.34 22.01
N THR B 198 -0.69 25.25 21.28
CA THR B 198 0.70 24.82 20.81
C THR B 198 0.69 24.37 19.38
N ASN B 199 1.90 24.34 18.78
CA ASN B 199 2.07 23.81 17.44
C ASN B 199 1.60 24.72 16.37
N VAL B 200 1.26 26.01 16.78
CA VAL B 200 0.75 26.90 15.76
C VAL B 200 1.71 27.22 14.62
N SER B 201 1.25 26.91 13.40
CA SER B 201 2.05 27.10 12.17
C SER B 201 3.23 26.09 12.18
N ASN B 202 3.20 25.13 13.08
CA ASN B 202 4.35 24.16 13.08
C ASN B 202 3.84 22.75 12.93
N TYR B 203 4.76 21.77 12.87
CA TYR B 203 4.39 20.49 12.24
C TYR B 203 4.72 19.36 13.22
N GLN B 204 4.78 19.63 14.51
CA GLN B 204 5.15 18.61 15.49
C GLN B 204 3.98 17.58 15.60
N PRO B 205 4.32 16.31 15.85
CA PRO B 205 3.30 15.29 15.99
C PRO B 205 2.46 15.57 17.23
N VAL B 206 1.20 15.15 17.15
CA VAL B 206 0.38 15.25 18.38
C VAL B 206 0.96 14.57 19.61
N TYR B 207 1.53 13.35 19.41
CA TYR B 207 2.03 12.61 20.58
C TYR B 207 3.09 13.36 21.32
N SER B 208 4.03 13.98 20.61
CA SER B 208 5.08 14.68 21.35
C SER B 208 4.54 16.03 21.89
N GLU B 209 3.67 16.66 21.13
CA GLU B 209 3.02 17.88 21.71
C GLU B 209 2.33 17.56 23.02
N TYR B 210 1.60 16.44 23.10
CA TYR B 210 0.91 16.12 24.36
C TYR B 210 1.84 15.90 25.49
N GLN B 211 3.01 15.23 25.19
CA GLN B 211 4.05 15.19 26.23
C GLN B 211 4.50 16.56 26.67
N TYR B 212 4.69 17.48 25.70
CA TYR B 212 4.98 18.88 26.08
C TYR B 212 3.79 19.47 26.97
N HIS B 213 2.55 19.24 26.53
CA HIS B 213 1.39 19.76 27.36
C HIS B 213 1.45 19.20 28.78
N GLN B 214 1.86 17.91 28.92
CA GLN B 214 1.92 17.38 30.27
C GLN B 214 2.98 18.02 31.12
N ASN B 215 4.15 18.29 30.52
CA ASN B 215 5.28 18.86 31.21
C ASN B 215 4.93 20.34 31.58
N LEU B 216 4.33 21.03 30.62
CA LEU B 216 4.08 22.47 30.78
C LEU B 216 2.99 22.65 31.85
N ASN B 217 2.02 21.75 31.81
CA ASN B 217 0.94 21.80 32.75
C ASN B 217 1.47 21.55 34.14
N ARG B 218 2.40 20.55 34.25
CA ARG B 218 3.01 20.37 35.58
C ARG B 218 3.80 21.55 36.04
N ALA B 219 4.57 22.19 35.20
CA ALA B 219 5.31 23.37 35.59
C ALA B 219 4.31 24.57 35.99
N LEU B 220 3.20 24.71 35.25
CA LEU B 220 2.14 25.79 35.54
C LEU B 220 1.55 25.52 36.90
N GLU B 221 1.17 24.25 37.15
CA GLU B 221 0.56 23.86 38.44
C GLU B 221 1.46 24.17 39.61
N SER B 222 2.75 24.00 39.45
CA SER B 222 3.60 24.19 40.57
C SER B 222 3.80 25.71 40.76
N ARG B 223 3.43 26.51 39.76
CA ARG B 223 3.52 27.98 39.87
C ARG B 223 2.16 28.65 40.13
N GLY B 224 1.17 27.83 40.49
CA GLY B 224 -0.15 28.27 40.89
C GLY B 224 -1.10 28.50 39.74
N VAL B 225 -0.71 28.10 38.53
CA VAL B 225 -1.60 28.27 37.39
C VAL B 225 -2.23 26.90 37.20
N ARG B 226 -3.48 26.74 37.65
CA ARG B 226 -4.18 25.44 37.69
C ARG B 226 -5.32 25.30 36.69
N GLY B 227 -5.60 24.07 36.26
CA GLY B 227 -6.77 23.85 35.47
C GLY B 227 -6.64 24.14 33.99
N MET B 228 -5.42 24.46 33.54
CA MET B 228 -5.22 24.79 32.09
C MET B 228 -5.62 23.63 31.18
N LYS B 229 -6.16 23.99 30.04
CA LYS B 229 -6.41 23.00 29.04
C LYS B 229 -5.62 23.37 27.82
N PHE B 230 -5.61 22.54 26.80
CA PHE B 230 -4.64 22.81 25.70
C PHE B 230 -5.35 22.59 24.37
N ILE B 231 -4.94 23.31 23.35
CA ILE B 231 -5.39 22.95 22.03
C ILE B 231 -4.11 22.84 21.17
N VAL B 232 -4.17 22.01 20.16
CA VAL B 232 -2.93 21.86 19.32
C VAL B 232 -3.32 22.03 17.86
N ASP B 233 -2.47 22.70 17.12
CA ASP B 233 -2.72 22.93 15.71
C ASP B 233 -2.39 21.67 14.93
N THR B 234 -3.38 21.14 14.24
CA THR B 234 -3.17 19.88 13.40
C THR B 234 -3.26 20.20 11.96
N SER B 235 -3.12 21.49 11.56
CA SER B 235 -3.25 21.88 10.20
C SER B 235 -2.21 21.08 9.40
N ARG B 236 -0.97 21.13 9.88
CA ARG B 236 0.10 20.62 9.00
C ARG B 236 0.99 19.55 9.65
N ASN B 237 0.40 18.74 10.50
CA ASN B 237 1.26 17.76 11.19
C ASN B 237 0.84 16.29 10.97
N GLY B 238 0.38 16.01 9.82
CA GLY B 238 -0.03 14.62 9.48
C GLY B 238 1.20 13.70 9.34
N ARG B 239 2.33 14.32 9.04
CA ARG B 239 3.66 13.52 8.84
C ARG B 239 4.76 14.10 9.67
N ASN B 240 5.68 13.27 10.17
CA ASN B 240 6.70 13.80 11.08
C ASN B 240 7.61 14.72 10.30
N PRO B 241 8.07 15.81 10.90
CA PRO B 241 8.75 16.77 10.03
C PRO B 241 10.19 16.29 9.77
N SER B 242 10.71 16.57 8.60
CA SER B 242 12.12 16.15 8.32
C SER B 242 13.22 16.92 9.11
N SER B 243 12.89 18.07 9.70
CA SER B 243 13.80 18.88 10.46
C SER B 243 12.99 20.01 11.19
N ALA B 244 13.70 20.95 11.81
CA ALA B 244 13.19 22.11 12.46
C ALA B 244 12.84 23.24 11.46
N THR B 245 12.97 23.05 10.16
CA THR B 245 12.63 24.06 9.16
C THR B 245 11.09 24.52 9.48
N TRP B 246 10.88 25.80 9.61
CA TRP B 246 9.45 26.29 9.97
C TRP B 246 8.84 26.80 8.71
N CYS B 247 9.66 27.18 7.69
CA CYS B 247 9.10 27.81 6.52
C CYS B 247 8.75 26.91 5.35
N ASN B 248 7.43 26.73 5.14
CA ASN B 248 6.85 26.02 3.95
C ASN B 248 7.48 24.61 3.90
N LEU B 249 7.38 23.89 4.99
CA LEU B 249 8.08 22.57 5.10
C LEU B 249 7.61 21.56 4.08
N LYS B 250 8.57 20.93 3.34
CA LYS B 250 8.15 19.94 2.30
C LYS B 250 7.86 18.63 2.98
N GLY B 251 7.00 17.80 2.38
CA GLY B 251 6.77 16.49 3.09
C GLY B 251 5.62 16.55 4.10
N ALA B 252 5.11 17.76 4.37
CA ALA B 252 4.05 17.91 5.40
C ALA B 252 2.74 17.44 4.87
N GLY B 253 1.82 17.02 5.83
CA GLY B 253 0.45 16.71 5.25
C GLY B 253 -0.57 17.32 6.23
N LEU B 254 -1.77 17.54 5.72
CA LEU B 254 -2.88 17.90 6.65
C LEU B 254 -2.91 16.86 7.78
N GLY B 255 -3.22 17.32 9.02
CA GLY B 255 -3.26 16.46 10.18
C GLY B 255 -4.72 16.09 10.51
N ALA B 256 -4.96 15.72 11.73
CA ALA B 256 -6.26 15.22 12.13
C ALA B 256 -7.26 16.37 11.95
N ARG B 257 -8.49 16.05 11.60
CA ARG B 257 -9.48 17.13 11.48
C ARG B 257 -9.79 17.78 12.82
N PRO B 258 -10.22 19.09 12.75
CA PRO B 258 -10.59 19.73 14.01
C PRO B 258 -11.65 18.90 14.72
N GLN B 259 -11.53 18.81 16.04
CA GLN B 259 -12.34 17.90 16.85
C GLN B 259 -12.20 18.23 18.25
N ALA B 260 -13.33 18.35 19.01
CA ALA B 260 -13.19 18.51 20.43
C ALA B 260 -12.97 17.14 21.19
N ASN B 261 -12.19 17.18 22.24
CA ASN B 261 -11.95 16.06 23.20
C ASN B 261 -11.56 14.82 22.45
N PRO B 262 -10.56 14.93 21.55
CA PRO B 262 -10.41 13.87 20.57
C PRO B 262 -9.97 12.54 21.19
N ASP B 263 -9.41 12.55 22.38
CA ASP B 263 -8.82 11.32 22.93
C ASP B 263 -8.97 11.28 24.40
N PRO B 264 -9.70 10.27 24.93
CA PRO B 264 -9.80 10.18 26.37
C PRO B 264 -8.49 9.92 27.10
N ASN B 265 -7.49 9.37 26.45
CA ASN B 265 -6.19 9.36 27.07
C ASN B 265 -5.43 10.63 27.04
N MET B 266 -6.04 11.69 26.48
CA MET B 266 -5.35 13.01 26.53
C MET B 266 -6.35 14.05 27.20
N PRO B 267 -6.60 13.91 28.52
CA PRO B 267 -7.73 14.69 29.12
C PRO B 267 -7.35 16.18 29.22
N LEU B 268 -6.06 16.53 29.12
CA LEU B 268 -5.66 17.99 29.09
C LEU B 268 -6.00 18.67 27.73
N LEU B 269 -6.31 17.87 26.73
CA LEU B 269 -6.47 18.41 25.37
C LEU B 269 -7.96 18.68 25.05
N ASP B 270 -8.33 19.97 24.97
CA ASP B 270 -9.63 20.39 24.53
C ASP B 270 -9.93 20.09 23.12
N ALA B 271 -8.94 20.21 22.21
CA ALA B 271 -9.27 20.06 20.83
C ALA B 271 -8.04 19.94 19.89
N TYR B 272 -8.25 19.32 18.76
CA TYR B 272 -7.36 19.57 17.59
C TYR B 272 -8.02 20.74 16.88
N VAL B 273 -7.24 21.68 16.35
CA VAL B 273 -7.79 22.83 15.63
C VAL B 273 -6.92 23.12 14.43
N TRP B 274 -7.46 23.58 13.33
CA TRP B 274 -6.58 24.04 12.22
C TRP B 274 -6.33 25.50 12.40
N ILE B 275 -5.19 25.83 12.99
CA ILE B 275 -5.00 27.25 13.47
C ILE B 275 -4.29 27.99 12.34
N LYS B 276 -3.02 27.61 12.04
CA LYS B 276 -2.47 28.01 10.77
C LYS B 276 -3.38 27.60 9.64
N THR B 277 -3.45 28.42 8.61
CA THR B 277 -4.26 28.09 7.47
C THR B 277 -3.47 27.23 6.49
N PRO B 278 -3.87 25.99 6.36
CA PRO B 278 -3.08 25.10 5.54
C PRO B 278 -3.22 25.49 4.07
N GLY B 279 -2.10 25.69 3.40
CA GLY B 279 -2.01 26.20 2.07
C GLY B 279 -1.67 27.67 1.92
N GLU B 280 -1.77 28.45 2.97
CA GLU B 280 -1.17 29.81 2.99
C GLU B 280 0.33 29.73 3.23
N SER B 281 1.06 30.48 2.42
CA SER B 281 2.48 30.54 2.52
C SER B 281 2.90 31.07 3.88
N ASP B 282 3.97 30.51 4.42
CA ASP B 282 4.69 31.03 5.55
C ASP B 282 5.48 32.31 5.33
N SER B 283 6.12 32.36 4.16
CA SER B 283 6.89 33.51 3.71
C SER B 283 7.14 33.32 2.22
N ALA B 284 7.56 34.36 1.53
CA ALA B 284 8.04 34.21 0.19
C ALA B 284 9.40 33.53 0.21
N SER B 285 9.66 32.66 -0.73
CA SER B 285 10.94 31.93 -0.80
C SER B 285 12.08 32.95 -0.99
N SER B 286 11.84 33.96 -1.82
CA SER B 286 12.81 35.11 -2.00
C SER B 286 12.97 36.04 -0.82
N ALA B 287 12.15 35.95 0.23
CA ALA B 287 12.17 36.97 1.31
C ALA B 287 13.11 36.63 2.44
N ASP B 288 13.41 35.35 2.66
CA ASP B 288 14.13 34.97 3.86
C ASP B 288 14.94 33.70 3.45
N PRO B 289 16.25 33.70 3.66
CA PRO B 289 16.96 32.50 3.14
C PRO B 289 16.60 31.19 3.83
N VAL B 290 16.11 31.22 5.08
CA VAL B 290 15.56 29.97 5.67
C VAL B 290 14.32 29.38 4.95
N CYS B 291 13.75 30.17 4.02
CA CYS B 291 12.63 29.74 3.16
C CYS B 291 13.21 29.08 1.98
N ARG B 292 14.53 29.04 1.92
CA ARG B 292 15.24 28.31 0.91
C ARG B 292 16.01 27.11 1.49
N ASN B 293 15.63 26.71 2.68
CA ASN B 293 16.16 25.47 3.32
C ASN B 293 15.98 24.26 2.44
N SER B 294 16.82 23.20 2.63
CA SER B 294 16.74 22.07 1.75
C SER B 294 15.37 21.41 1.71
N ASP B 295 14.66 21.50 2.84
CA ASP B 295 13.26 20.99 2.93
C ASP B 295 12.16 22.11 3.02
N SER B 296 12.39 23.26 2.40
CA SER B 296 11.30 24.24 2.10
C SER B 296 10.90 24.13 0.69
N LEU B 297 9.60 24.07 0.51
CA LEU B 297 9.05 24.10 -0.84
C LEU B 297 9.21 25.49 -1.46
N GLN B 298 9.79 25.52 -2.64
CA GLN B 298 10.12 26.81 -3.31
C GLN B 298 9.00 27.29 -4.17
N GLY B 299 9.18 28.49 -4.76
CA GLY B 299 8.12 29.11 -5.56
C GLY B 299 7.03 29.69 -4.64
N ALA B 300 7.37 29.99 -3.41
CA ALA B 300 6.33 30.40 -2.44
C ALA B 300 6.00 31.87 -2.55
N PRO B 301 4.69 32.19 -2.47
CA PRO B 301 4.27 33.58 -2.48
C PRO B 301 4.46 34.25 -1.12
N ALA B 302 4.13 35.55 -0.99
CA ALA B 302 4.25 36.24 0.31
C ALA B 302 3.53 35.51 1.42
N ALA B 303 3.95 35.76 2.63
CA ALA B 303 3.28 35.28 3.87
C ALA B 303 1.79 35.54 3.85
N GLY B 304 1.01 34.48 4.10
CA GLY B 304 -0.45 34.60 4.10
C GLY B 304 -1.10 34.39 2.72
N SER B 305 -0.36 34.51 1.59
CA SER B 305 -0.95 34.34 0.25
C SER B 305 -1.14 32.86 -0.06
N TRP B 306 -2.12 32.53 -0.88
CA TRP B 306 -2.39 31.16 -1.21
C TRP B 306 -1.30 30.53 -2.03
N PHE B 307 -0.87 29.34 -1.64
CA PHE B 307 0.30 28.65 -2.19
C PHE B 307 -0.21 27.31 -2.71
N HIS B 308 -0.67 27.30 -3.94
CA HIS B 308 -1.41 26.19 -4.45
C HIS B 308 -0.60 24.95 -4.45
N ASP B 309 0.62 25.04 -4.90
CA ASP B 309 1.49 23.81 -4.94
C ASP B 309 1.60 23.18 -3.58
N TYR B 310 1.68 24.04 -2.55
CA TYR B 310 1.81 23.60 -1.16
C TYR B 310 0.53 22.93 -0.66
N PHE B 311 -0.59 23.54 -0.98
CA PHE B 311 -1.86 22.94 -0.62
C PHE B 311 -1.99 21.54 -1.21
N VAL B 312 -1.67 21.41 -2.50
CA VAL B 312 -1.80 20.09 -3.22
C VAL B 312 -0.91 19.10 -2.47
N MET B 313 0.33 19.49 -2.17
CA MET B 313 1.24 18.65 -1.35
C MET B 313 0.63 18.21 0.01
N LEU B 314 0.12 19.18 0.78
CA LEU B 314 -0.58 18.82 2.06
C LEU B 314 -1.70 17.85 1.83
N LEU B 315 -2.45 18.04 0.75
CA LEU B 315 -3.64 17.17 0.49
C LEU B 315 -3.16 15.75 0.17
N GLU B 316 -2.10 15.66 -0.65
CA GLU B 316 -1.60 14.31 -1.00
C GLU B 316 -1.05 13.61 0.21
N ASN B 317 -0.41 14.36 1.11
CA ASN B 317 0.21 13.76 2.30
C ASN B 317 -0.68 13.67 3.51
N ALA B 318 -1.97 13.99 3.36
CA ALA B 318 -2.81 14.10 4.53
C ALA B 318 -2.89 12.80 5.36
N ASN B 319 -2.89 12.94 6.65
CA ASN B 319 -2.98 11.80 7.57
C ASN B 319 -3.77 12.20 8.82
N PRO B 320 -4.99 11.63 8.99
CA PRO B 320 -5.60 10.62 8.04
C PRO B 320 -5.92 11.08 6.62
N PRO B 321 -5.87 10.14 5.67
CA PRO B 321 -6.22 10.50 4.28
C PRO B 321 -7.68 11.03 4.07
N PHE B 322 -7.94 11.88 3.05
CA PHE B 322 -9.31 12.29 2.69
C PHE B 322 -9.94 11.24 1.77
N THR C 1 38.31 3.97 15.52
CA THR C 1 38.01 4.09 16.99
C THR C 1 37.39 5.45 17.39
N SER C 2 36.18 5.38 17.98
CA SER C 2 35.30 6.51 18.36
C SER C 2 34.87 6.26 19.83
N ASP C 3 34.31 7.25 20.56
CA ASP C 3 33.71 6.92 21.86
C ASP C 3 32.22 6.43 21.71
N ASN C 4 31.78 6.46 20.48
CA ASN C 4 30.47 5.90 20.12
C ASN C 4 30.69 4.48 19.56
N PHE C 5 30.58 3.50 20.47
CA PHE C 5 30.86 2.08 20.15
C PHE C 5 29.84 1.49 19.19
N PHE C 6 28.71 2.21 18.98
CA PHE C 6 27.81 1.83 17.92
C PHE C 6 28.33 2.02 16.53
N GLU C 7 29.34 2.85 16.36
CA GLU C 7 29.91 3.00 15.04
C GLU C 7 30.95 1.85 14.83
N ASN C 8 30.48 0.69 14.55
CA ASN C 8 31.33 -0.54 14.52
C ASN C 8 30.26 -1.55 14.19
N GLU C 9 30.62 -2.62 13.48
CA GLU C 9 29.66 -3.69 13.30
C GLU C 9 29.19 -4.14 14.69
N LEU C 10 27.88 -4.39 14.89
CA LEU C 10 27.38 -4.86 16.12
C LEU C 10 27.20 -6.36 16.16
N TYR C 11 27.50 -6.93 17.28
CA TYR C 11 27.47 -8.43 17.51
C TYR C 11 25.99 -8.92 17.58
N SER C 12 25.64 -9.93 16.81
CA SER C 12 24.34 -10.62 16.89
C SER C 12 24.61 -11.89 17.67
N ASN C 13 23.87 -12.11 18.76
CA ASN C 13 24.24 -13.19 19.68
C ASN C 13 23.47 -14.51 19.52
N TYR C 14 24.10 -15.62 20.00
CA TYR C 14 23.46 -16.92 19.75
C TYR C 14 22.07 -17.08 20.42
N LYS C 15 21.82 -16.38 21.51
CA LYS C 15 20.55 -16.60 22.22
C LYS C 15 19.37 -16.04 21.42
N PHE C 16 19.45 -14.79 20.99
CA PHE C 16 18.41 -14.25 20.16
C PHE C 16 18.30 -15.03 18.84
N GLN C 17 19.45 -15.38 18.25
CA GLN C 17 19.34 -16.18 17.02
C GLN C 17 18.56 -17.45 17.28
N GLY C 18 18.75 -18.09 18.43
CA GLY C 18 18.03 -19.36 18.79
C GLY C 18 16.53 -19.16 19.05
N GLU C 19 16.23 -18.06 19.69
CA GLU C 19 14.80 -17.66 19.91
C GLU C 19 14.16 -17.44 18.58
N VAL C 20 14.78 -16.70 17.68
CA VAL C 20 14.09 -16.44 16.42
C VAL C 20 13.97 -17.75 15.62
N ASP C 21 14.94 -18.65 15.75
CA ASP C 21 14.85 -20.02 15.11
C ASP C 21 13.57 -20.74 15.55
N GLN C 22 13.20 -20.60 16.84
CA GLN C 22 12.01 -21.23 17.39
C GLN C 22 10.73 -20.72 16.67
N SER C 23 10.67 -19.41 16.33
CA SER C 23 9.54 -18.90 15.51
C SER C 23 9.71 -19.29 14.04
N ILE C 24 10.94 -19.24 13.48
CA ILE C 24 11.13 -19.63 12.03
C ILE C 24 10.63 -21.08 11.81
N GLN C 25 10.87 -21.96 12.79
CA GLN C 25 10.32 -23.35 12.73
C GLN C 25 8.81 -23.44 12.73
N ARG C 26 8.12 -22.42 13.21
CA ARG C 26 6.69 -22.45 13.27
C ARG C 26 6.06 -21.64 12.12
N LEU C 27 6.85 -21.04 11.28
CA LEU C 27 6.30 -20.22 10.21
C LEU C 27 6.55 -20.75 8.79
N SER C 28 5.80 -20.27 7.83
CA SER C 28 6.06 -20.61 6.44
C SER C 28 6.01 -19.41 5.55
N GLY C 29 6.54 -19.53 4.36
CA GLY C 29 6.45 -18.47 3.39
C GLY C 29 6.91 -17.09 3.79
N SER C 30 6.06 -16.13 3.61
CA SER C 30 6.36 -14.75 3.79
C SER C 30 6.84 -14.44 5.20
N LEU C 31 6.05 -14.76 6.20
CA LEU C 31 6.45 -14.46 7.55
C LEU C 31 7.74 -15.14 7.91
N GLN C 32 7.91 -16.36 7.46
CA GLN C 32 9.13 -17.09 7.78
C GLN C 32 10.35 -16.38 7.15
N GLU C 33 10.19 -15.87 5.91
CA GLU C 33 11.32 -15.14 5.31
C GLU C 33 11.64 -13.83 6.05
N LYS C 34 10.63 -13.11 6.52
CA LYS C 34 10.89 -11.96 7.38
C LYS C 34 11.56 -12.34 8.73
N ALA C 35 11.08 -13.41 9.38
CA ALA C 35 11.69 -13.80 10.63
C ALA C 35 13.17 -14.14 10.34
N LYS C 36 13.47 -14.74 9.20
CA LYS C 36 14.91 -15.02 8.94
C LYS C 36 15.77 -13.80 8.81
N LYS C 37 15.24 -12.68 8.34
CA LYS C 37 16.04 -11.42 8.36
C LYS C 37 16.14 -10.91 9.79
N VAL C 38 15.06 -11.01 10.56
CA VAL C 38 15.16 -10.47 11.94
C VAL C 38 16.17 -11.27 12.81
N LYS C 39 16.32 -12.55 12.51
CA LYS C 39 17.23 -13.46 13.28
C LYS C 39 18.61 -12.83 13.53
N TYR C 40 19.14 -12.08 12.55
CA TYR C 40 20.48 -11.55 12.67
C TYR C 40 20.53 -10.10 13.06
N VAL C 41 19.36 -9.48 13.40
CA VAL C 41 19.43 -8.09 13.74
C VAL C 41 20.02 -8.04 15.18
N PRO C 42 21.06 -7.23 15.44
CA PRO C 42 21.70 -7.29 16.75
C PRO C 42 20.75 -6.84 17.87
N THR C 43 20.76 -7.55 18.99
CA THR C 43 19.95 -7.27 20.18
C THR C 43 20.88 -7.28 21.39
N ALA C 44 20.51 -6.55 22.43
CA ALA C 44 21.29 -6.50 23.66
C ALA C 44 21.23 -7.90 24.36
N ALA C 45 22.35 -8.27 25.00
CA ALA C 45 22.38 -9.49 25.83
C ALA C 45 22.19 -9.08 27.26
N TRP C 46 21.19 -9.62 27.89
CA TRP C 46 20.89 -9.32 29.24
C TRP C 46 21.60 -10.16 30.26
N LEU C 47 22.20 -9.52 31.22
CA LEU C 47 22.78 -10.15 32.42
C LEU C 47 21.82 -9.97 33.57
N ALA C 48 20.99 -10.98 33.81
CA ALA C 48 19.66 -10.78 34.56
C ALA C 48 19.43 -11.86 35.53
N TRP C 49 20.45 -12.70 35.83
CA TRP C 49 20.33 -13.61 36.97
C TRP C 49 21.72 -13.89 37.56
N SER C 50 21.78 -14.55 38.73
CA SER C 50 23.03 -14.98 39.41
C SER C 50 24.07 -15.57 38.49
N GLY C 51 23.67 -16.51 37.66
CA GLY C 51 24.57 -17.24 36.80
C GLY C 51 25.05 -16.50 35.56
N ALA C 52 24.55 -15.28 35.33
CA ALA C 52 24.96 -14.56 34.10
C ALA C 52 26.45 -14.17 34.18
N THR C 53 27.04 -14.23 35.38
CA THR C 53 28.47 -13.97 35.54
C THR C 53 29.22 -15.01 34.66
N ASN C 54 28.72 -16.25 34.56
CA ASN C 54 29.37 -17.28 33.69
C ASN C 54 29.04 -17.18 32.24
N GLU C 55 28.14 -16.24 31.87
CA GLU C 55 27.77 -16.06 30.47
C GLU C 55 28.58 -15.05 29.74
N VAL C 56 29.26 -14.16 30.44
CA VAL C 56 29.91 -13.08 29.74
C VAL C 56 31.02 -13.58 28.77
N ALA C 57 31.82 -14.58 29.23
CA ALA C 57 32.96 -15.03 28.38
C ALA C 57 32.52 -15.50 26.99
N ARG C 58 31.47 -16.32 26.94
CA ARG C 58 30.98 -16.80 25.68
C ARG C 58 30.59 -15.72 24.67
N TYR C 59 29.79 -14.74 25.13
CA TYR C 59 29.50 -13.61 24.26
C TYR C 59 30.77 -12.89 23.80
N LEU C 60 31.69 -12.57 24.71
CA LEU C 60 32.95 -11.88 24.21
C LEU C 60 33.75 -12.75 23.24
N ASN C 61 33.79 -14.07 23.52
CA ASN C 61 34.47 -14.99 22.58
C ASN C 61 33.89 -14.98 21.18
N GLU C 62 32.59 -15.03 21.15
CA GLU C 62 31.93 -15.13 19.85
C GLU C 62 31.79 -13.81 19.14
N ALA C 63 31.84 -12.69 19.86
CA ALA C 63 31.66 -11.33 19.23
C ALA C 63 32.93 -10.85 18.49
N GLY C 64 34.11 -11.35 18.94
CA GLY C 64 35.36 -10.88 18.31
C GLY C 64 35.45 -9.34 18.45
N SER C 65 35.64 -8.68 17.33
CA SER C 65 35.85 -7.24 17.35
C SER C 65 34.48 -6.48 17.28
N LYS C 66 33.39 -7.20 17.13
CA LYS C 66 32.05 -6.51 17.00
C LYS C 66 31.60 -5.95 18.34
N THR C 67 30.81 -4.85 18.32
CA THR C 67 30.42 -4.28 19.55
C THR C 67 29.34 -5.15 20.23
N VAL C 68 29.59 -5.46 21.49
CA VAL C 68 28.72 -6.19 22.39
C VAL C 68 27.96 -5.22 23.22
N VAL C 69 26.67 -5.50 23.34
CA VAL C 69 25.83 -4.62 24.18
C VAL C 69 25.25 -5.49 25.27
N PHE C 70 25.63 -5.22 26.54
CA PHE C 70 25.07 -5.87 27.66
C PHE C 70 24.04 -4.97 28.39
N VAL C 71 23.05 -5.62 28.98
CA VAL C 71 22.17 -4.97 29.97
C VAL C 71 22.44 -5.54 31.33
N LEU C 72 22.93 -4.66 32.20
CA LEU C 72 23.10 -5.11 33.61
C LEU C 72 21.78 -5.02 34.33
N TYR C 73 21.26 -6.17 34.77
CA TYR C 73 19.95 -6.28 35.29
C TYR C 73 19.85 -7.19 36.50
N MET C 74 20.53 -6.79 37.56
CA MET C 74 20.65 -7.69 38.72
C MET C 74 20.44 -7.02 40.10
N ILE C 75 20.00 -5.80 40.09
CA ILE C 75 19.93 -5.01 41.28
C ILE C 75 19.00 -5.63 42.31
N PRO C 76 19.46 -5.65 43.54
CA PRO C 76 18.72 -6.35 44.57
C PRO C 76 17.37 -5.70 44.78
N THR C 77 16.37 -6.59 44.76
CA THR C 77 14.99 -6.30 45.12
C THR C 77 14.17 -5.23 44.42
N ARG C 78 13.67 -5.46 43.23
CA ARG C 78 12.78 -4.46 42.67
C ARG C 78 11.52 -4.13 43.46
N ASP C 79 11.43 -4.73 44.65
CA ASP C 79 10.24 -4.70 45.50
C ASP C 79 10.55 -4.25 46.92
N CYS C 80 9.74 -3.31 47.40
CA CYS C 80 9.81 -2.76 48.76
C CYS C 80 9.07 -3.41 49.87
N ASN C 81 7.85 -3.90 49.62
CA ASN C 81 6.76 -3.71 50.54
C ASN C 81 7.20 -4.13 51.94
N ALA C 82 7.84 -5.29 52.06
CA ALA C 82 8.38 -5.79 53.32
C ALA C 82 9.76 -5.18 53.62
N GLY C 83 9.89 -4.67 54.85
CA GLY C 83 11.15 -4.29 55.44
C GLY C 83 11.12 -4.86 56.85
N GLY C 84 10.27 -5.86 57.04
CA GLY C 84 10.09 -6.47 58.36
C GLY C 84 9.37 -7.80 58.33
N SER C 85 10.00 -8.82 58.91
CA SER C 85 11.34 -8.62 59.44
C SER C 85 12.23 -9.88 59.51
N ASN C 86 13.49 -9.69 59.18
CA ASN C 86 13.98 -8.58 58.39
C ASN C 86 15.44 -8.83 58.00
N GLY C 87 16.00 -7.97 57.18
CA GLY C 87 17.42 -8.10 56.87
C GLY C 87 17.68 -9.40 56.17
N GLY C 88 18.69 -10.16 56.59
CA GLY C 88 19.81 -9.68 57.37
C GLY C 88 21.07 -9.84 56.50
N ALA C 89 21.11 -10.90 55.71
CA ALA C 89 22.23 -11.13 54.77
C ALA C 89 22.23 -10.01 53.72
N ASP C 90 23.35 -9.66 53.12
CA ASP C 90 23.33 -8.44 52.31
C ASP C 90 23.04 -8.45 50.80
N ASN C 91 22.04 -7.68 50.44
CA ASN C 91 21.70 -7.42 49.05
C ASN C 91 22.79 -6.67 48.29
N LEU C 92 23.25 -5.52 48.80
CA LEU C 92 24.24 -4.76 48.10
C LEU C 92 25.63 -5.47 47.98
N SER C 93 26.03 -6.20 49.02
CA SER C 93 27.32 -6.87 48.91
C SER C 93 27.31 -7.98 47.82
N THR C 94 26.23 -8.72 47.72
CA THR C 94 26.02 -9.80 46.74
C THR C 94 26.04 -9.17 45.36
N TYR C 95 25.41 -7.99 45.26
CA TYR C 95 25.43 -7.18 44.03
C TYR C 95 26.82 -6.71 43.65
N GLN C 96 27.57 -6.21 44.63
CA GLN C 96 28.94 -5.76 44.28
C GLN C 96 29.78 -6.96 43.77
N GLY C 97 29.52 -8.14 44.32
CA GLY C 97 30.29 -9.36 43.95
C GLY C 97 29.97 -9.67 42.46
N TYR C 98 28.69 -9.57 42.09
CA TYR C 98 28.28 -9.74 40.69
C TYR C 98 28.97 -8.79 39.80
N VAL C 99 28.97 -7.52 40.16
CA VAL C 99 29.60 -6.51 39.38
C VAL C 99 31.12 -6.78 39.21
N ASN C 100 31.76 -7.06 40.32
CA ASN C 100 33.21 -7.34 40.32
C ASN C 100 33.57 -8.46 39.38
N SER C 101 32.77 -9.51 39.45
CA SER C 101 32.91 -10.67 38.56
C SER C 101 32.85 -10.28 37.11
N ILE C 102 31.79 -9.60 36.68
CA ILE C 102 31.68 -9.14 35.25
C ILE C 102 32.82 -8.24 34.85
N TYR C 103 33.15 -7.30 35.74
CA TYR C 103 34.23 -6.36 35.56
C TYR C 103 35.58 -7.08 35.34
N ASN C 104 35.87 -8.03 36.22
CA ASN C 104 37.11 -8.88 36.00
C ASN C 104 37.11 -9.58 34.67
N THR C 105 35.99 -10.18 34.30
CA THR C 105 35.95 -10.88 32.98
C THR C 105 36.18 -9.93 31.84
N ILE C 106 35.53 -8.72 31.84
CA ILE C 106 35.79 -7.76 30.83
C ILE C 106 37.24 -7.32 30.74
N ASN C 107 37.92 -7.26 31.89
CA ASN C 107 39.35 -6.94 31.86
C ASN C 107 40.19 -7.97 31.13
N GLN C 108 39.68 -9.17 31.02
CA GLN C 108 40.37 -10.21 30.26
C GLN C 108 40.33 -9.98 28.78
N TYR C 109 39.52 -9.03 28.35
CA TYR C 109 39.27 -8.79 26.94
C TYR C 109 39.49 -7.35 26.49
N PRO C 110 40.74 -6.92 26.47
CA PRO C 110 41.12 -5.54 26.18
C PRO C 110 40.74 -5.01 24.82
N ASN C 111 40.73 -5.85 23.83
CA ASN C 111 40.40 -5.50 22.50
C ASN C 111 38.86 -5.53 22.18
N SER C 112 38.05 -6.05 23.10
CA SER C 112 36.58 -6.06 22.89
C SER C 112 36.03 -4.61 23.01
N ARG C 113 34.86 -4.34 22.40
CA ARG C 113 34.21 -2.98 22.48
C ARG C 113 32.84 -3.32 23.11
N ILE C 114 32.69 -2.96 24.36
CA ILE C 114 31.46 -3.32 25.15
C ILE C 114 30.66 -2.11 25.56
N VAL C 115 29.35 -2.19 25.33
CA VAL C 115 28.41 -1.15 25.80
C VAL C 115 27.68 -1.79 26.97
N MET C 116 27.74 -1.14 28.13
CA MET C 116 27.13 -1.63 29.28
C MET C 116 25.94 -0.74 29.72
N ILE C 117 24.77 -1.28 29.59
CA ILE C 117 23.52 -0.52 30.00
C ILE C 117 23.12 -0.84 31.42
N ILE C 118 23.04 0.20 32.29
CA ILE C 118 22.86 -0.05 33.70
C ILE C 118 21.42 -0.01 34.19
N GLU C 119 20.88 -1.17 34.57
CA GLU C 119 19.75 -1.39 35.47
C GLU C 119 18.47 -0.60 35.04
N PRO C 120 17.94 -0.97 33.87
CA PRO C 120 16.60 -0.50 33.51
C PRO C 120 15.61 -0.68 34.69
N ASP C 121 14.64 0.24 34.74
CA ASP C 121 13.52 0.23 35.70
C ASP C 121 14.07 0.36 37.09
N THR C 122 14.93 1.34 37.25
CA THR C 122 15.47 1.65 38.59
C THR C 122 15.30 3.18 38.76
N ILE C 123 15.75 3.97 37.79
CA ILE C 123 15.68 5.41 37.93
C ILE C 123 14.23 5.92 37.93
N GLY C 124 13.38 5.34 37.11
CA GLY C 124 11.98 5.74 37.11
C GLY C 124 11.42 5.70 38.54
N ASN C 125 11.73 4.61 39.25
CA ASN C 125 11.07 4.40 40.56
C ASN C 125 11.73 5.26 41.59
N LEU C 126 13.02 5.54 41.45
CA LEU C 126 13.72 6.35 42.43
C LEU C 126 13.12 7.75 42.33
N VAL C 127 12.68 8.11 41.14
CA VAL C 127 12.12 9.48 40.92
C VAL C 127 10.68 9.57 41.40
N THR C 128 9.82 8.62 41.05
CA THR C 128 8.37 8.82 41.27
C THR C 128 7.71 7.88 42.26
N ALA C 129 8.35 6.77 42.59
CA ALA C 129 7.74 5.77 43.44
C ALA C 129 7.80 6.25 44.85
N ASN C 130 6.87 5.81 45.68
CA ASN C 130 6.41 6.54 46.84
C ASN C 130 7.53 6.93 47.81
N ASN C 131 8.45 6.03 48.06
CA ASN C 131 9.55 6.31 48.95
C ASN C 131 9.09 6.46 50.39
N ALA C 132 7.84 6.06 50.61
CA ALA C 132 7.25 6.05 51.95
C ALA C 132 7.70 4.89 52.82
N ASN C 133 7.65 3.68 52.26
CA ASN C 133 8.01 2.46 52.97
C ASN C 133 9.17 1.82 52.22
N CYS C 134 9.65 2.49 51.18
CA CYS C 134 10.57 1.90 50.22
C CYS C 134 11.98 2.50 50.34
N ARG C 135 12.20 3.30 51.37
CA ARG C 135 13.41 4.13 51.44
C ARG C 135 14.71 3.34 51.60
N ASN C 136 14.60 2.15 52.21
CA ASN C 136 15.74 1.25 52.43
C ASN C 136 16.27 0.76 51.11
N VAL C 137 15.40 0.08 50.38
CA VAL C 137 15.74 -0.35 49.04
C VAL C 137 16.16 0.82 48.15
N HIS C 138 15.48 1.96 48.26
CA HIS C 138 15.85 3.16 47.48
C HIS C 138 17.29 3.57 47.67
N ASP C 139 17.74 3.62 48.92
CA ASP C 139 19.15 3.96 49.13
C ASP C 139 20.08 2.85 48.63
N MET C 140 19.63 1.60 48.70
CA MET C 140 20.51 0.54 48.23
C MET C 140 20.60 0.63 46.69
N HIS C 141 19.46 0.97 46.06
CA HIS C 141 19.41 1.15 44.61
C HIS C 141 20.37 2.19 44.23
N LYS C 142 20.44 3.31 44.94
CA LYS C 142 21.36 4.39 44.55
C LYS C 142 22.81 3.95 44.67
N GLN C 143 23.05 3.19 45.72
CA GLN C 143 24.40 2.71 46.00
C GLN C 143 24.83 1.69 44.94
N ALA C 144 23.90 0.76 44.66
CA ALA C 144 24.07 -0.25 43.58
C ALA C 144 24.45 0.36 42.25
N LEU C 145 23.63 1.30 41.78
CA LEU C 145 23.97 2.00 40.58
C LEU C 145 25.30 2.71 40.65
N SER C 146 25.57 3.45 41.74
CA SER C 146 26.80 4.15 41.74
C SER C 146 27.98 3.12 41.78
N TYR C 147 27.79 2.01 42.48
CA TYR C 147 28.83 0.91 42.50
C TYR C 147 29.11 0.40 41.06
N ALA C 148 28.07 0.01 40.34
CA ALA C 148 28.25 -0.45 38.95
C ALA C 148 29.03 0.56 38.09
N ILE C 149 28.66 1.86 38.16
CA ILE C 149 29.33 2.84 37.36
C ILE C 149 30.77 2.99 37.85
N SER C 150 31.00 2.87 39.14
CA SER C 150 32.41 3.01 39.69
C SER C 150 33.37 1.94 39.14
N LYS C 151 32.82 0.81 38.70
CA LYS C 151 33.64 -0.27 38.11
C LYS C 151 33.63 -0.16 36.62
N PHE C 152 32.47 -0.44 36.01
CA PHE C 152 32.48 -0.42 34.55
C PHE C 152 32.84 0.93 33.93
N GLY C 153 32.62 1.99 34.70
CA GLY C 153 32.81 3.34 34.18
C GLY C 153 34.28 3.75 34.18
N THR C 154 35.17 2.83 34.65
CA THR C 154 36.64 3.05 34.46
C THR C 154 37.34 2.18 33.43
N GLN C 155 36.61 1.23 32.83
CA GLN C 155 37.19 0.39 31.77
C GLN C 155 37.30 1.02 30.41
N LYS C 156 38.50 1.01 29.79
CA LYS C 156 38.71 1.66 28.50
C LYS C 156 37.96 0.98 27.36
N ASN C 157 37.67 -0.30 27.54
CA ASN C 157 36.97 -1.08 26.52
C ASN C 157 35.45 -1.12 26.77
N VAL C 158 34.95 -0.29 27.69
CA VAL C 158 33.49 -0.25 27.94
C VAL C 158 32.99 1.20 27.76
N ARG C 159 31.75 1.34 27.30
CA ARG C 159 31.04 2.69 27.39
C ARG C 159 29.75 2.44 28.09
N VAL C 160 29.49 3.19 29.18
CA VAL C 160 28.45 2.87 30.08
C VAL C 160 27.25 3.87 29.71
N TYR C 161 26.02 3.35 29.58
CA TYR C 161 24.78 4.19 29.58
C TYR C 161 23.96 3.86 30.76
N LEU C 162 23.62 4.89 31.52
CA LEU C 162 22.71 4.75 32.65
C LEU C 162 21.26 4.82 32.21
N ASP C 163 20.42 3.92 32.63
CA ASP C 163 19.06 3.93 32.16
C ASP C 163 18.21 4.96 32.89
N ALA C 164 17.39 5.68 32.14
CA ALA C 164 16.51 6.69 32.69
C ALA C 164 15.08 6.63 32.17
N ALA C 165 14.54 5.45 32.19
CA ALA C 165 13.15 5.25 31.88
C ALA C 165 12.81 5.76 30.50
N HIS C 166 11.69 6.46 30.41
CA HIS C 166 11.19 7.00 29.20
C HIS C 166 10.37 8.25 29.39
N GLY C 167 10.10 8.92 28.30
CA GLY C 167 9.53 10.25 28.38
C GLY C 167 8.11 10.22 28.95
N GLY C 168 7.34 9.22 28.53
CA GLY C 168 6.00 8.99 29.08
C GLY C 168 5.98 8.92 30.56
N TRP C 169 7.10 8.51 31.18
CA TRP C 169 7.24 8.43 32.63
C TRP C 169 7.88 9.68 33.19
N LEU C 170 9.00 10.15 32.66
CA LEU C 170 9.83 11.15 33.35
C LEU C 170 9.96 12.52 32.72
N ASN C 171 9.44 12.69 31.53
CA ASN C 171 9.66 13.95 30.84
C ASN C 171 9.08 15.14 31.68
N SER C 172 7.99 14.95 32.43
CA SER C 172 7.52 16.10 33.28
C SER C 172 8.31 16.21 34.57
N SER C 173 9.25 15.30 34.76
CA SER C 173 10.06 15.36 35.98
C SER C 173 11.58 15.40 35.64
N ALA C 174 11.98 16.04 34.57
CA ALA C 174 13.38 15.97 34.11
C ALA C 174 14.35 16.55 35.12
N ASP C 175 13.92 17.61 35.85
CA ASP C 175 14.79 18.13 36.91
C ASP C 175 15.05 17.20 38.06
N ARG C 176 14.04 16.56 38.62
CA ARG C 176 14.27 15.62 39.68
C ARG C 176 15.06 14.37 39.15
N THR C 177 14.95 14.03 37.85
CA THR C 177 15.64 12.86 37.26
C THR C 177 17.09 13.22 37.15
N ALA C 178 17.37 14.42 36.69
CA ALA C 178 18.72 14.89 36.59
C ALA C 178 19.34 14.99 37.98
N GLU C 179 18.54 15.38 38.97
CA GLU C 179 19.02 15.45 40.39
C GLU C 179 19.52 14.04 40.88
N VAL C 180 18.67 13.04 40.65
CA VAL C 180 18.93 11.64 41.04
C VAL C 180 20.20 11.13 40.32
N ILE C 181 20.29 11.37 39.02
CA ILE C 181 21.44 10.98 38.23
C ILE C 181 22.73 11.64 38.68
N ALA C 182 22.68 12.92 38.96
CA ALA C 182 23.87 13.66 39.34
C ALA C 182 24.43 13.15 40.66
N GLU C 183 23.56 12.84 41.58
CA GLU C 183 23.90 12.29 42.85
C GLU C 183 24.56 10.94 42.70
N ILE C 184 24.00 10.11 41.83
CA ILE C 184 24.49 8.78 41.61
C ILE C 184 25.88 8.90 41.06
N LEU C 185 26.09 9.83 40.16
CA LEU C 185 27.39 10.03 39.60
C LEU C 185 28.46 10.58 40.59
N ARG C 186 28.04 11.43 41.52
CA ARG C 186 28.96 11.98 42.50
C ARG C 186 29.54 10.84 43.33
N ASN C 187 28.68 9.87 43.64
CA ASN C 187 29.02 8.76 44.48
C ASN C 187 29.68 7.58 43.74
N ALA C 188 30.07 7.77 42.49
CA ALA C 188 30.53 6.73 41.59
C ALA C 188 32.04 6.66 41.48
N GLY C 189 32.74 7.29 42.40
CA GLY C 189 34.17 7.23 42.40
C GLY C 189 34.71 7.84 41.17
N ASN C 190 35.60 7.16 40.49
CA ASN C 190 36.15 7.66 39.26
C ASN C 190 35.39 7.22 37.99
N GLY C 191 34.30 6.51 38.14
CA GLY C 191 33.56 6.04 36.99
C GLY C 191 32.88 7.15 36.23
N LYS C 192 32.83 7.02 34.94
CA LYS C 192 32.22 8.04 34.05
C LYS C 192 31.24 7.29 33.16
N ILE C 193 30.07 7.91 32.87
CA ILE C 193 29.14 7.32 31.85
C ILE C 193 29.31 8.04 30.50
N ARG C 194 29.15 7.31 29.42
CA ARG C 194 29.01 7.90 28.11
C ARG C 194 27.66 8.65 28.02
N GLY C 195 26.64 8.09 28.63
CA GLY C 195 25.28 8.62 28.49
C GLY C 195 24.15 7.88 29.14
N ILE C 196 22.98 8.00 28.45
CA ILE C 196 21.72 7.65 29.08
C ILE C 196 20.95 6.77 28.10
N SER C 197 20.32 5.71 28.62
CA SER C 197 19.47 4.91 27.70
C SER C 197 17.98 5.25 28.10
N THR C 198 17.11 5.35 27.09
CA THR C 198 15.70 5.42 27.39
C THR C 198 14.88 4.49 26.55
N ASN C 199 13.59 4.37 26.94
CA ASN C 199 12.59 3.62 26.19
C ASN C 199 12.81 2.08 26.32
N VAL C 200 13.72 1.66 27.26
CA VAL C 200 13.96 0.21 27.42
C VAL C 200 12.73 -0.56 27.79
N SER C 201 12.37 -1.57 26.96
CA SER C 201 11.20 -2.41 27.16
C SER C 201 9.86 -1.56 26.96
N ASN C 202 9.98 -0.33 26.47
CA ASN C 202 8.71 0.47 26.30
C ASN C 202 8.55 0.85 24.86
N TYR C 203 7.46 1.57 24.48
CA TYR C 203 7.04 1.61 23.07
C TYR C 203 6.93 3.08 22.65
N GLN C 204 7.57 3.97 23.40
CA GLN C 204 7.46 5.45 23.02
C GLN C 204 8.05 5.71 21.63
N PRO C 205 7.50 6.66 20.84
CA PRO C 205 8.03 6.94 19.49
C PRO C 205 9.39 7.53 19.65
N VAL C 206 10.29 7.29 18.68
CA VAL C 206 11.58 8.00 18.70
C VAL C 206 11.44 9.52 18.85
N TYR C 207 10.51 10.08 18.09
CA TYR C 207 10.39 11.57 18.05
C TYR C 207 10.15 12.14 19.44
N SER C 208 9.23 11.57 20.21
CA SER C 208 9.00 12.08 21.59
C SER C 208 10.11 11.70 22.57
N GLU C 209 10.69 10.49 22.45
CA GLU C 209 11.88 10.25 23.29
C GLU C 209 12.97 11.31 23.11
N TYR C 210 13.24 11.65 21.87
CA TYR C 210 14.32 12.60 21.56
C TYR C 210 14.02 13.96 22.23
N GLN C 211 12.74 14.38 22.21
CA GLN C 211 12.39 15.58 23.03
C GLN C 211 12.66 15.38 24.51
N TYR C 212 12.40 14.17 25.03
CA TYR C 212 12.67 13.90 26.42
C TYR C 212 14.23 13.94 26.53
N HIS C 213 14.97 13.36 25.55
CA HIS C 213 16.50 13.47 25.67
C HIS C 213 16.93 14.97 25.80
N GLN C 214 16.42 15.82 24.92
CA GLN C 214 16.77 17.26 24.97
C GLN C 214 16.44 17.85 26.32
N ASN C 215 15.26 17.54 26.87
CA ASN C 215 14.83 18.09 28.17
C ASN C 215 15.66 17.56 29.39
N LEU C 216 15.92 16.24 29.40
CA LEU C 216 16.82 15.66 30.42
C LEU C 216 18.23 16.22 30.24
N ASN C 217 18.71 16.35 29.02
CA ASN C 217 20.06 16.82 28.81
C ASN C 217 20.27 18.19 29.31
N ARG C 218 19.22 19.00 29.15
CA ARG C 218 19.30 20.39 29.63
C ARG C 218 19.26 20.37 31.14
N ALA C 219 18.45 19.54 31.77
CA ALA C 219 18.44 19.46 33.20
C ALA C 219 19.74 18.90 33.80
N LEU C 220 20.32 17.87 33.15
CA LEU C 220 21.67 17.37 33.51
C LEU C 220 22.75 18.47 33.46
N GLU C 221 22.85 19.16 32.33
CA GLU C 221 23.84 20.20 32.14
C GLU C 221 23.74 21.28 33.23
N SER C 222 22.53 21.62 33.63
CA SER C 222 22.35 22.65 34.68
C SER C 222 22.75 22.12 36.07
N ARG C 223 22.90 20.80 36.18
CA ARG C 223 23.41 20.19 37.43
C ARG C 223 24.88 19.77 37.24
N GLY C 224 25.50 20.27 36.19
CA GLY C 224 26.91 20.01 35.99
C GLY C 224 27.25 18.64 35.44
N VAL C 225 26.28 17.97 34.79
CA VAL C 225 26.53 16.69 34.15
C VAL C 225 26.50 17.04 32.69
N ARG C 226 27.67 17.10 32.07
CA ARG C 226 27.77 17.58 30.71
C ARG C 226 28.21 16.54 29.63
N GLY C 227 27.86 16.81 28.38
CA GLY C 227 28.19 16.04 27.22
C GLY C 227 27.50 14.66 27.13
N MET C 228 26.43 14.43 27.88
CA MET C 228 25.65 13.19 27.83
C MET C 228 25.17 12.92 26.46
N LYS C 229 25.23 11.64 26.09
CA LYS C 229 24.66 11.20 24.79
C LYS C 229 23.62 10.15 25.11
N PHE C 230 22.79 9.82 24.14
CA PHE C 230 21.65 9.00 24.48
C PHE C 230 21.56 7.84 23.50
N ILE C 231 20.95 6.75 24.00
CA ILE C 231 20.53 5.77 23.07
C ILE C 231 19.05 5.50 23.36
N VAL C 232 18.35 5.04 22.34
CA VAL C 232 16.91 4.74 22.56
C VAL C 232 16.59 3.33 22.06
N ASP C 233 15.80 2.63 22.86
CA ASP C 233 15.32 1.26 22.49
C ASP C 233 14.23 1.34 21.38
N THR C 234 14.52 0.79 20.23
CA THR C 234 13.58 0.76 19.07
C THR C 234 13.09 -0.61 18.85
N SER C 235 13.30 -1.50 19.81
CA SER C 235 12.81 -2.88 19.56
C SER C 235 11.31 -2.93 19.24
N ARG C 236 10.54 -2.21 20.04
CA ARG C 236 9.08 -2.36 19.89
C ARG C 236 8.32 -1.01 19.73
N ASN C 237 8.94 -0.06 19.03
CA ASN C 237 8.23 1.26 18.92
C ASN C 237 7.92 1.68 17.50
N GLY C 238 7.71 0.69 16.63
CA GLY C 238 7.39 0.97 15.24
C GLY C 238 5.98 1.69 15.12
N ARG C 239 5.10 1.46 16.11
CA ARG C 239 3.73 2.01 16.17
C ARG C 239 3.47 2.79 17.41
N ASN C 240 2.79 3.94 17.30
CA ASN C 240 2.43 4.65 18.50
C ASN C 240 1.64 3.80 19.49
N PRO C 241 1.92 3.91 20.76
CA PRO C 241 1.25 2.98 21.66
C PRO C 241 -0.22 3.37 21.87
N SER C 242 -1.11 2.36 21.88
CA SER C 242 -2.57 2.59 22.09
C SER C 242 -2.85 3.14 23.51
N SER C 243 -2.00 2.81 24.48
CA SER C 243 -2.15 3.37 25.82
C SER C 243 -0.85 3.18 26.59
N ALA C 244 -0.88 3.55 27.85
CA ALA C 244 0.28 3.34 28.75
C ALA C 244 0.51 1.84 29.23
N THR C 245 -0.35 0.90 28.82
CA THR C 245 -0.19 -0.51 29.19
C THR C 245 1.28 -0.92 28.85
N TRP C 246 2.06 -1.31 29.85
CA TRP C 246 3.45 -1.66 29.67
C TRP C 246 3.68 -3.09 29.32
N CYS C 247 2.70 -3.92 29.52
CA CYS C 247 2.92 -5.40 29.47
C CYS C 247 2.39 -6.00 28.18
N ASN C 248 3.29 -6.55 27.33
CA ASN C 248 2.89 -7.22 26.13
C ASN C 248 1.79 -6.44 25.33
N LEU C 249 2.15 -5.19 25.02
CA LEU C 249 1.16 -4.27 24.38
C LEU C 249 0.75 -4.77 23.03
N LYS C 250 -0.57 -4.91 22.80
CA LYS C 250 -1.03 -5.28 21.48
C LYS C 250 -0.85 -4.07 20.52
N GLY C 251 -0.69 -4.39 19.23
CA GLY C 251 -0.55 -3.42 18.15
C GLY C 251 0.92 -2.95 17.98
N ALA C 252 1.83 -3.36 18.87
CA ALA C 252 3.26 -2.89 18.81
C ALA C 252 3.87 -3.50 17.55
N GLY C 253 4.91 -2.83 17.01
CA GLY C 253 5.69 -3.36 15.93
C GLY C 253 7.19 -3.13 16.17
N LEU C 254 8.05 -3.99 15.58
CA LEU C 254 9.49 -3.72 15.63
C LEU C 254 9.71 -2.29 15.09
N GLY C 255 10.66 -1.56 15.68
CA GLY C 255 10.96 -0.19 15.22
C GLY C 255 12.21 -0.20 14.38
N ALA C 256 12.88 0.98 14.36
CA ALA C 256 13.91 1.20 13.39
C ALA C 256 15.07 0.18 13.76
N ARG C 257 15.75 -0.36 12.79
CA ARG C 257 16.84 -1.25 13.07
C ARG C 257 17.98 -0.56 13.80
N PRO C 258 18.70 -1.29 14.63
CA PRO C 258 19.85 -0.68 15.30
C PRO C 258 20.83 0.04 14.34
N GLN C 259 21.29 1.23 14.73
CA GLN C 259 21.96 2.11 13.75
C GLN C 259 22.68 3.18 14.56
N ALA C 260 23.99 3.45 14.29
CA ALA C 260 24.62 4.59 14.92
C ALA C 260 24.26 5.97 14.23
N ASN C 261 24.23 7.03 15.03
CA ASN C 261 24.12 8.45 14.54
C ASN C 261 22.98 8.64 13.57
N PRO C 262 21.85 7.99 13.83
CA PRO C 262 20.83 7.89 12.78
C PRO C 262 20.30 9.19 12.08
N ASP C 263 20.47 10.29 12.75
CA ASP C 263 19.96 11.55 12.17
C ASP C 263 20.76 12.72 12.62
N PRO C 264 21.32 13.54 11.66
CA PRO C 264 22.04 14.77 12.00
C PRO C 264 21.19 15.79 12.82
N ASN C 265 19.85 15.70 12.69
CA ASN C 265 18.98 16.57 13.46
C ASN C 265 18.82 16.10 14.87
N MET C 266 19.35 14.91 15.20
CA MET C 266 19.33 14.51 16.57
C MET C 266 20.80 14.27 17.04
N PRO C 267 21.53 15.36 17.28
CA PRO C 267 22.95 15.21 17.67
C PRO C 267 23.20 14.57 19.04
N LEU C 268 22.24 14.60 19.98
CA LEU C 268 22.45 13.97 21.24
C LEU C 268 22.38 12.40 21.11
N LEU C 269 21.88 11.91 19.99
CA LEU C 269 21.51 10.48 19.93
C LEU C 269 22.66 9.61 19.26
N ASP C 270 23.37 8.85 20.12
CA ASP C 270 24.40 7.90 19.63
C ASP C 270 23.82 6.81 18.76
N ALA C 271 22.60 6.33 19.06
CA ALA C 271 22.09 5.18 18.30
C ALA C 271 20.61 4.81 18.59
N TYR C 272 19.96 4.17 17.61
CA TYR C 272 18.80 3.26 17.91
C TYR C 272 19.43 1.88 18.32
N VAL C 273 18.86 1.23 19.30
CA VAL C 273 19.44 -0.09 19.81
C VAL C 273 18.25 -0.97 20.06
N TRP C 274 18.36 -2.28 19.79
CA TRP C 274 17.27 -3.14 20.30
C TRP C 274 17.69 -3.63 21.68
N ILE C 275 17.08 -3.02 22.75
CA ILE C 275 17.54 -3.27 24.14
C ILE C 275 16.75 -4.35 24.73
N LYS C 276 15.46 -4.09 25.00
CA LYS C 276 14.54 -5.21 25.16
C LYS C 276 14.61 -6.22 24.01
N THR C 277 14.43 -7.49 24.32
CA THR C 277 14.46 -8.51 23.33
C THR C 277 13.07 -8.65 22.75
N PRO C 278 12.91 -8.32 21.49
CA PRO C 278 11.57 -8.34 20.94
C PRO C 278 11.14 -9.77 20.77
N GLY C 279 9.94 -10.07 21.24
CA GLY C 279 9.45 -11.41 21.30
C GLY C 279 9.58 -12.13 22.63
N GLU C 280 10.39 -11.61 23.54
CA GLU C 280 10.38 -12.18 24.88
C GLU C 280 9.24 -11.51 25.67
N SER C 281 8.49 -12.34 26.39
CA SER C 281 7.33 -11.80 27.19
C SER C 281 7.82 -10.79 28.21
N ASP C 282 6.98 -9.77 28.50
CA ASP C 282 7.31 -8.88 29.60
C ASP C 282 6.92 -9.48 30.96
N SER C 283 5.97 -10.38 30.97
CA SER C 283 5.42 -10.98 32.17
C SER C 283 4.35 -11.96 31.76
N ALA C 284 3.98 -12.86 32.63
CA ALA C 284 3.14 -13.97 32.30
C ALA C 284 1.79 -13.23 32.45
N SER C 285 0.81 -13.57 31.61
CA SER C 285 -0.49 -12.83 31.70
C SER C 285 -1.11 -13.02 33.09
N SER C 286 -0.78 -14.16 33.73
CA SER C 286 -1.36 -14.41 35.09
C SER C 286 -0.61 -13.68 36.23
N ALA C 287 0.49 -13.00 35.92
CA ALA C 287 1.36 -12.49 36.96
C ALA C 287 1.10 -11.05 37.45
N ASP C 288 0.42 -10.21 36.67
CA ASP C 288 0.15 -8.83 37.06
C ASP C 288 -1.11 -8.42 36.40
N PRO C 289 -1.98 -7.71 37.09
CA PRO C 289 -3.21 -7.36 36.38
C PRO C 289 -3.01 -6.48 35.13
N VAL C 290 -1.97 -5.64 34.99
CA VAL C 290 -1.75 -4.87 33.70
C VAL C 290 -1.57 -5.78 32.51
N CYS C 291 -1.01 -7.00 32.78
CA CYS C 291 -0.86 -8.02 31.73
C CYS C 291 -2.16 -8.57 31.29
N ARG C 292 -3.22 -8.24 32.00
CA ARG C 292 -4.55 -8.60 31.58
C ARG C 292 -5.43 -7.43 31.08
N ASN C 293 -4.84 -6.28 30.95
CA ASN C 293 -5.48 -5.19 30.24
C ASN C 293 -6.05 -5.61 28.88
N SER C 294 -7.05 -4.87 28.43
CA SER C 294 -7.68 -5.34 27.22
C SER C 294 -6.76 -5.09 26.04
N ASP C 295 -5.75 -4.21 26.15
CA ASP C 295 -4.77 -4.01 25.04
C ASP C 295 -3.43 -4.80 25.32
N SER C 296 -3.43 -5.75 26.26
CA SER C 296 -2.27 -6.65 26.46
C SER C 296 -2.61 -7.97 25.81
N LEU C 297 -1.63 -8.56 25.12
CA LEU C 297 -1.86 -9.81 24.44
C LEU C 297 -1.80 -10.95 25.43
N GLN C 298 -2.90 -11.73 25.49
CA GLN C 298 -3.00 -12.78 26.48
C GLN C 298 -2.24 -14.07 26.06
N GLY C 299 -2.15 -15.02 26.98
CA GLY C 299 -1.36 -16.28 26.72
C GLY C 299 0.15 -16.06 26.78
N ALA C 300 0.59 -15.04 27.46
CA ALA C 300 1.98 -14.71 27.55
C ALA C 300 2.63 -15.65 28.56
N PRO C 301 3.87 -16.11 28.25
CA PRO C 301 4.59 -16.93 29.20
C PRO C 301 5.29 -16.04 30.18
N ALA C 302 6.07 -16.64 31.07
CA ALA C 302 6.86 -15.84 32.04
C ALA C 302 7.77 -14.76 31.45
N ALA C 303 8.10 -13.72 32.24
CA ALA C 303 8.93 -12.63 31.80
C ALA C 303 10.24 -13.26 31.26
N GLY C 304 10.65 -12.85 30.08
CA GLY C 304 11.95 -13.35 29.48
C GLY C 304 11.75 -14.53 28.61
N SER C 305 10.62 -15.24 28.68
CA SER C 305 10.41 -16.47 27.89
C SER C 305 9.91 -16.10 26.50
N TRP C 306 10.25 -16.88 25.49
CA TRP C 306 9.84 -16.57 24.15
C TRP C 306 8.36 -16.66 23.97
N PHE C 307 7.80 -15.66 23.33
CA PHE C 307 6.37 -15.54 23.16
C PHE C 307 6.07 -15.41 21.67
N HIS C 308 5.87 -16.56 21.03
CA HIS C 308 5.82 -16.61 19.59
C HIS C 308 4.74 -15.80 18.97
N ASP C 309 3.54 -15.83 19.55
CA ASP C 309 2.43 -15.06 18.90
C ASP C 309 2.76 -13.55 18.93
N TYR C 310 3.44 -13.11 19.99
CA TYR C 310 3.83 -11.71 20.12
C TYR C 310 4.90 -11.35 19.14
N PHE C 311 5.93 -12.20 19.04
CA PHE C 311 6.96 -12.02 17.99
C PHE C 311 6.31 -11.83 16.59
N VAL C 312 5.33 -12.68 16.27
CA VAL C 312 4.68 -12.64 14.97
C VAL C 312 3.98 -11.29 14.77
N MET C 313 3.28 -10.89 15.79
CA MET C 313 2.61 -9.55 15.79
C MET C 313 3.63 -8.38 15.54
N LEU C 314 4.70 -8.34 16.32
CA LEU C 314 5.74 -7.34 16.05
C LEU C 314 6.25 -7.37 14.64
N LEU C 315 6.38 -8.56 14.09
CA LEU C 315 6.93 -8.67 12.76
C LEU C 315 5.90 -8.14 11.74
N GLU C 316 4.66 -8.57 11.89
CA GLU C 316 3.57 -7.97 11.05
C GLU C 316 3.45 -6.46 11.14
N ASN C 317 3.67 -5.88 12.31
CA ASN C 317 3.49 -4.45 12.52
C ASN C 317 4.80 -3.65 12.36
N ALA C 318 5.86 -4.30 11.91
CA ALA C 318 7.16 -3.62 11.90
C ALA C 318 7.13 -2.29 11.12
N ASN C 319 7.83 -1.29 11.61
CA ASN C 319 7.92 -0.01 10.93
C ASN C 319 9.29 0.60 11.22
N PRO C 320 10.07 0.75 10.17
CA PRO C 320 9.90 0.30 8.75
C PRO C 320 9.65 -1.16 8.49
N PRO C 321 8.84 -1.46 7.45
CA PRO C 321 8.49 -2.88 7.12
C PRO C 321 9.66 -3.79 6.74
N PHE C 322 9.68 -5.10 7.14
CA PHE C 322 10.66 -6.12 6.62
C PHE C 322 10.24 -6.66 5.26
N THR D 1 21.88 -7.53 -36.52
CA THR D 1 21.60 -8.98 -36.69
C THR D 1 20.20 -9.36 -36.18
N SER D 2 19.88 -9.02 -34.92
CA SER D 2 18.59 -9.41 -34.29
C SER D 2 17.36 -8.98 -35.10
N ASP D 3 16.36 -9.87 -35.20
CA ASP D 3 15.14 -9.52 -35.93
C ASP D 3 14.08 -8.85 -35.06
N ASN D 4 14.32 -8.81 -33.76
CA ASN D 4 13.47 -8.07 -32.80
C ASN D 4 14.06 -6.68 -32.60
N PHE D 5 13.60 -5.65 -33.33
CA PHE D 5 14.22 -4.29 -33.25
C PHE D 5 13.90 -3.58 -31.93
N PHE D 6 13.06 -4.21 -31.11
CA PHE D 6 12.77 -3.61 -29.81
C PHE D 6 13.92 -3.90 -28.83
N GLU D 7 14.83 -4.77 -29.19
CA GLU D 7 15.94 -5.09 -28.28
C GLU D 7 16.91 -3.90 -28.21
N ASN D 8 16.93 -3.09 -29.24
CA ASN D 8 17.71 -1.86 -29.34
C ASN D 8 17.07 -0.73 -28.53
N GLU D 9 17.84 0.23 -28.01
CA GLU D 9 17.26 1.38 -27.36
C GLU D 9 16.13 2.00 -28.23
N LEU D 10 14.98 2.37 -27.63
CA LEU D 10 13.83 2.88 -28.39
C LEU D 10 13.83 4.39 -28.43
N TYR D 11 13.43 4.94 -29.56
CA TYR D 11 13.34 6.37 -29.80
C TYR D 11 12.18 7.04 -29.12
N SER D 12 12.47 8.14 -28.46
CA SER D 12 11.46 8.97 -27.76
C SER D 12 11.35 10.22 -28.61
N ASN D 13 10.14 10.58 -29.09
CA ASN D 13 10.04 11.59 -30.15
C ASN D 13 9.56 12.90 -29.65
N TYR D 14 9.88 13.95 -30.46
CA TYR D 14 9.65 15.26 -29.97
C TYR D 14 8.23 15.55 -29.78
N LYS D 15 7.32 14.86 -30.48
CA LYS D 15 5.96 15.27 -30.35
C LYS D 15 5.24 14.90 -29.00
N PHE D 16 5.40 13.63 -28.62
CA PHE D 16 4.84 13.15 -27.38
C PHE D 16 5.51 13.94 -26.23
N GLN D 17 6.81 14.19 -26.39
CA GLN D 17 7.58 15.02 -25.34
C GLN D 17 6.82 16.34 -25.15
N GLY D 18 6.40 17.02 -26.26
CA GLY D 18 5.69 18.30 -26.12
C GLY D 18 4.30 18.22 -25.69
N GLU D 19 3.65 17.05 -25.97
CA GLU D 19 2.32 16.93 -25.44
C GLU D 19 2.36 16.79 -23.87
N VAL D 20 3.32 16.02 -23.43
CA VAL D 20 3.32 15.71 -21.99
C VAL D 20 3.80 16.99 -21.27
N ASP D 21 4.71 17.74 -21.91
CA ASP D 21 4.95 19.19 -21.46
C ASP D 21 3.67 19.96 -21.17
N GLN D 22 2.68 19.89 -22.03
CA GLN D 22 1.48 20.67 -21.78
C GLN D 22 0.84 20.27 -20.46
N SER D 23 0.96 18.99 -20.15
CA SER D 23 0.37 18.50 -18.94
C SER D 23 1.26 18.82 -17.74
N ILE D 24 2.55 18.67 -17.87
CA ILE D 24 3.40 18.99 -16.74
C ILE D 24 3.13 20.43 -16.23
N GLN D 25 2.94 21.36 -17.17
CA GLN D 25 2.78 22.77 -16.87
C GLN D 25 1.50 22.99 -16.12
N ARG D 26 0.55 22.06 -16.25
CA ARG D 26 -0.74 22.17 -15.60
C ARG D 26 -0.84 21.34 -14.28
N LEU D 27 0.25 20.73 -13.85
CA LEU D 27 0.19 19.80 -12.76
C LEU D 27 1.11 20.17 -11.64
N SER D 28 0.68 19.77 -10.44
CA SER D 28 1.47 19.97 -9.28
C SER D 28 1.61 18.69 -8.45
N GLY D 29 2.64 18.65 -7.64
CA GLY D 29 2.89 17.56 -6.73
C GLY D 29 3.28 16.23 -7.34
N SER D 30 2.78 15.14 -6.77
CA SER D 30 3.25 13.82 -7.21
C SER D 30 2.91 13.57 -8.68
N LEU D 31 1.73 13.97 -9.10
CA LEU D 31 1.35 13.76 -10.49
C LEU D 31 2.28 14.50 -11.43
N GLN D 32 2.69 15.70 -11.06
CA GLN D 32 3.66 16.35 -11.89
C GLN D 32 4.95 15.62 -12.01
N GLU D 33 5.47 15.05 -10.94
CA GLU D 33 6.74 14.30 -11.11
C GLU D 33 6.46 12.99 -11.90
N LYS D 34 5.32 12.36 -11.69
CA LYS D 34 4.94 11.18 -12.54
C LYS D 34 4.92 11.55 -14.02
N ALA D 35 4.18 12.63 -14.34
CA ALA D 35 4.20 13.14 -15.76
C ALA D 35 5.59 13.41 -16.29
N LYS D 36 6.50 13.92 -15.47
CA LYS D 36 7.85 14.08 -15.93
C LYS D 36 8.65 12.86 -16.35
N LYS D 37 8.37 11.71 -15.73
CA LYS D 37 8.94 10.43 -16.11
C LYS D 37 8.28 9.88 -17.42
N VAL D 38 7.01 10.09 -17.55
CA VAL D 38 6.19 9.49 -18.67
C VAL D 38 6.60 10.27 -19.93
N LYS D 39 6.94 11.55 -19.77
CA LYS D 39 7.50 12.34 -20.91
C LYS D 39 8.48 11.63 -21.86
N TYR D 40 9.41 10.80 -21.36
CA TYR D 40 10.47 10.19 -22.12
C TYR D 40 10.20 8.67 -22.38
N VAL D 41 9.01 8.24 -21.99
CA VAL D 41 8.70 6.82 -22.30
C VAL D 41 8.39 6.84 -23.87
N PRO D 42 9.04 5.98 -24.62
CA PRO D 42 8.91 5.86 -26.13
C PRO D 42 7.49 5.52 -26.54
N THR D 43 6.98 6.26 -27.55
CA THR D 43 5.61 6.02 -28.01
C THR D 43 5.72 5.97 -29.54
N ALA D 44 4.84 5.23 -30.17
CA ALA D 44 4.85 5.26 -31.60
C ALA D 44 4.48 6.63 -32.15
N ALA D 45 5.01 6.89 -33.37
CA ALA D 45 4.74 8.12 -34.13
C ALA D 45 3.76 7.72 -35.26
N TRP D 46 2.58 8.34 -35.26
CA TRP D 46 1.57 7.97 -36.22
C TRP D 46 1.72 8.81 -37.49
N LEU D 47 1.52 8.14 -38.61
CA LEU D 47 1.52 8.76 -39.97
C LEU D 47 0.15 8.60 -40.38
N ALA D 48 -0.61 9.66 -40.18
CA ALA D 48 -2.04 9.63 -40.09
C ALA D 48 -2.84 10.68 -40.85
N TRP D 49 -2.20 11.29 -41.84
CA TRP D 49 -2.96 12.13 -42.82
C TRP D 49 -2.12 12.19 -44.08
N SER D 50 -2.75 12.69 -45.19
CA SER D 50 -2.13 12.72 -46.52
C SER D 50 -0.74 13.29 -46.44
N GLY D 51 -0.62 14.34 -45.65
CA GLY D 51 0.68 15.03 -45.48
C GLY D 51 1.79 14.41 -44.64
N ALA D 52 1.48 13.26 -44.00
CA ALA D 52 2.45 12.69 -43.13
C ALA D 52 3.58 12.17 -43.87
N THR D 53 3.54 12.09 -45.22
CA THR D 53 4.75 11.55 -45.82
C THR D 53 5.90 12.59 -45.58
N ASN D 54 5.56 13.83 -45.41
CA ASN D 54 6.62 14.85 -45.19
C ASN D 54 7.23 14.76 -43.77
N GLU D 55 6.56 14.00 -42.88
CA GLU D 55 6.92 14.02 -41.43
C GLU D 55 7.98 12.94 -41.12
N VAL D 56 8.21 11.97 -42.01
CA VAL D 56 9.08 10.80 -41.83
C VAL D 56 10.53 11.25 -41.58
N ALA D 57 10.97 12.24 -42.41
CA ALA D 57 12.37 12.57 -42.36
C ALA D 57 12.83 13.08 -40.98
N ARG D 58 12.05 13.96 -40.38
CA ARG D 58 12.44 14.65 -39.14
C ARG D 58 12.59 13.57 -38.05
N TYR D 59 11.67 12.59 -38.05
CA TYR D 59 11.81 11.56 -37.03
C TYR D 59 13.06 10.71 -37.26
N LEU D 60 13.43 10.36 -38.50
CA LEU D 60 14.57 9.47 -38.69
C LEU D 60 15.89 10.25 -38.47
N ASN D 61 15.81 11.55 -38.74
CA ASN D 61 16.96 12.47 -38.51
C ASN D 61 17.27 12.46 -37.01
N GLU D 62 16.24 12.72 -36.21
CA GLU D 62 16.32 12.91 -34.72
C GLU D 62 16.47 11.63 -33.91
N ALA D 63 16.11 10.47 -34.49
CA ALA D 63 16.23 9.19 -33.77
C ALA D 63 17.65 8.67 -33.76
N GLY D 64 18.45 9.02 -34.77
CA GLY D 64 19.71 8.30 -34.92
C GLY D 64 19.72 6.77 -34.98
N SER D 65 20.45 6.09 -34.08
CA SER D 65 20.52 4.63 -34.17
C SER D 65 19.39 3.93 -33.34
N LYS D 66 18.54 4.70 -32.71
CA LYS D 66 17.50 4.19 -31.79
C LYS D 66 16.32 3.73 -32.64
N THR D 67 15.56 2.77 -32.11
CA THR D 67 14.57 2.07 -32.94
C THR D 67 13.44 3.01 -33.06
N VAL D 68 13.01 3.24 -34.33
CA VAL D 68 11.89 4.17 -34.51
C VAL D 68 10.60 3.32 -34.74
N VAL D 69 9.45 3.68 -34.16
CA VAL D 69 8.23 2.90 -34.33
C VAL D 69 7.19 3.84 -34.95
N PHE D 70 6.78 3.51 -36.19
CA PHE D 70 5.76 4.23 -36.89
C PHE D 70 4.47 3.46 -36.94
N VAL D 71 3.34 4.17 -36.89
CA VAL D 71 2.05 3.51 -37.17
C VAL D 71 1.68 4.07 -38.58
N LEU D 72 1.61 3.17 -39.54
CA LEU D 72 1.17 3.62 -40.91
C LEU D 72 -0.35 3.71 -40.84
N TYR D 73 -0.96 4.89 -40.83
CA TYR D 73 -2.38 5.03 -40.74
C TYR D 73 -2.88 5.97 -41.87
N MET D 74 -2.65 5.52 -43.08
CA MET D 74 -2.69 6.43 -44.29
C MET D 74 -3.83 5.97 -45.19
N ILE D 75 -4.54 4.88 -44.84
CA ILE D 75 -5.60 4.42 -45.74
C ILE D 75 -6.61 5.59 -45.91
N PRO D 76 -7.00 5.92 -47.18
CA PRO D 76 -7.69 7.21 -47.25
C PRO D 76 -9.05 7.18 -46.76
N THR D 77 -9.74 6.03 -46.67
CA THR D 77 -11.11 6.06 -46.09
C THR D 77 -11.39 4.65 -45.51
N ARG D 78 -12.17 4.64 -44.43
CA ARG D 78 -12.73 3.40 -43.78
C ARG D 78 -14.22 3.50 -43.74
N ASP D 79 -14.73 4.41 -44.57
CA ASP D 79 -16.15 4.66 -44.65
C ASP D 79 -16.74 3.78 -45.72
N CYS D 80 -17.68 2.89 -45.38
CA CYS D 80 -18.22 2.03 -46.42
C CYS D 80 -19.06 2.81 -47.44
N ASN D 81 -19.66 3.92 -47.04
CA ASN D 81 -20.52 4.65 -47.98
C ASN D 81 -19.86 5.18 -49.26
N ALA D 82 -18.54 5.28 -49.30
CA ALA D 82 -17.87 5.72 -50.53
C ALA D 82 -17.55 4.56 -51.47
N GLY D 83 -18.53 4.03 -52.20
CA GLY D 83 -19.90 4.56 -52.21
C GLY D 83 -20.39 4.86 -53.62
N GLY D 84 -21.70 5.05 -53.75
CA GLY D 84 -22.29 5.59 -54.96
C GLY D 84 -22.75 7.02 -54.73
N SER D 85 -22.78 7.83 -55.78
CA SER D 85 -22.01 7.76 -57.01
C SER D 85 -22.23 9.14 -57.61
N ASN D 86 -21.30 9.67 -58.41
CA ASN D 86 -20.07 9.05 -58.77
C ASN D 86 -19.07 9.31 -57.66
N GLY D 87 -18.98 8.35 -56.76
CA GLY D 87 -17.91 8.34 -55.76
C GLY D 87 -16.61 8.05 -56.51
N GLY D 88 -15.85 9.12 -56.76
CA GLY D 88 -14.88 9.21 -57.83
C GLY D 88 -13.38 9.11 -57.56
N ALA D 89 -12.97 8.88 -56.32
CA ALA D 89 -11.52 8.80 -56.07
C ALA D 89 -11.01 7.36 -56.22
N ASP D 90 -9.79 7.19 -56.66
CA ASP D 90 -9.26 5.90 -56.75
C ASP D 90 -8.38 5.73 -55.48
N ASN D 91 -9.00 5.31 -54.39
CA ASN D 91 -8.26 5.32 -53.11
C ASN D 91 -7.05 4.47 -53.09
N LEU D 92 -7.06 3.35 -53.81
CA LEU D 92 -5.87 2.51 -53.86
C LEU D 92 -4.69 3.15 -54.57
N SER D 93 -4.91 3.82 -55.70
CA SER D 93 -3.71 4.48 -56.32
C SER D 93 -3.10 5.59 -55.40
N THR D 94 -3.97 6.29 -54.71
CA THR D 94 -3.59 7.39 -53.79
C THR D 94 -2.73 6.80 -52.69
N TYR D 95 -3.13 5.65 -52.15
CA TYR D 95 -2.38 5.00 -51.07
C TYR D 95 -1.12 4.47 -51.55
N GLN D 96 -1.09 3.98 -52.82
CA GLN D 96 0.18 3.45 -53.29
C GLN D 96 1.24 4.55 -53.36
N GLY D 97 0.77 5.73 -53.65
CA GLY D 97 1.65 6.93 -53.82
C GLY D 97 2.19 7.31 -52.42
N TYR D 98 1.34 7.24 -51.39
CA TYR D 98 1.82 7.37 -49.94
C TYR D 98 2.87 6.39 -49.54
N VAL D 99 2.57 5.11 -49.72
CA VAL D 99 3.52 4.08 -49.40
C VAL D 99 4.84 4.27 -50.14
N ASN D 100 4.74 4.55 -51.46
CA ASN D 100 6.00 4.68 -52.24
C ASN D 100 6.97 5.78 -51.72
N SER D 101 6.41 6.89 -51.36
CA SER D 101 7.16 8.05 -50.84
C SER D 101 7.80 7.66 -49.52
N ILE D 102 7.00 7.00 -48.64
CA ILE D 102 7.54 6.64 -47.32
C ILE D 102 8.61 5.70 -47.48
N TYR D 103 8.41 4.75 -48.38
CA TYR D 103 9.39 3.73 -48.65
C TYR D 103 10.72 4.40 -49.22
N ASN D 104 10.52 5.32 -50.18
CA ASN D 104 11.69 5.97 -50.77
C ASN D 104 12.50 6.69 -49.66
N THR D 105 11.80 7.41 -48.81
CA THR D 105 12.46 8.13 -47.66
C THR D 105 13.28 7.14 -46.80
N ILE D 106 12.66 6.02 -46.40
CA ILE D 106 13.30 5.04 -45.56
C ILE D 106 14.54 4.48 -46.24
N ASN D 107 14.58 4.45 -47.58
CA ASN D 107 15.76 3.87 -48.27
C ASN D 107 16.98 4.82 -48.10
N GLN D 108 16.70 6.05 -47.75
CA GLN D 108 17.80 7.00 -47.53
C GLN D 108 18.49 6.74 -46.19
N TYR D 109 17.95 5.84 -45.36
CA TYR D 109 18.47 5.60 -44.02
C TYR D 109 18.74 4.15 -43.75
N PRO D 110 19.73 3.60 -44.44
CA PRO D 110 20.05 2.19 -44.35
C PRO D 110 20.47 1.71 -42.97
N ASN D 111 21.06 2.58 -42.17
CA ASN D 111 21.49 2.20 -40.84
C ASN D 111 20.43 2.42 -39.75
N SER D 112 19.32 2.99 -40.09
CA SER D 112 18.29 3.23 -39.08
C SER D 112 17.55 1.93 -38.82
N ARG D 113 16.83 1.84 -37.70
CA ARG D 113 16.11 0.59 -37.35
C ARG D 113 14.68 1.03 -37.17
N ILE D 114 13.75 0.58 -38.05
CA ILE D 114 12.40 1.21 -38.06
C ILE D 114 11.42 -0.01 -37.95
N VAL D 115 10.40 0.17 -37.10
CA VAL D 115 9.31 -0.82 -36.97
C VAL D 115 8.17 -0.09 -37.64
N MET D 116 7.43 -0.78 -38.52
CA MET D 116 6.28 -0.15 -39.19
C MET D 116 5.08 -1.05 -38.81
N ILE D 117 4.11 -0.44 -38.16
CA ILE D 117 2.88 -1.13 -37.78
C ILE D 117 1.83 -0.73 -38.79
N ILE D 118 1.29 -1.77 -39.46
CA ILE D 118 0.40 -1.47 -40.66
C ILE D 118 -1.05 -1.37 -40.33
N GLU D 119 -1.60 -0.16 -40.38
CA GLU D 119 -3.02 0.22 -40.47
C GLU D 119 -3.99 -0.42 -39.42
N PRO D 120 -3.86 -0.05 -38.16
CA PRO D 120 -4.90 -0.35 -37.17
C PRO D 120 -6.25 0.07 -37.67
N ASP D 121 -7.27 -0.55 -37.07
CA ASP D 121 -8.67 -0.27 -37.36
C ASP D 121 -8.98 -0.73 -38.83
N THR D 122 -8.34 -1.82 -39.27
CA THR D 122 -8.66 -2.37 -40.60
C THR D 122 -9.07 -3.83 -40.53
N ILE D 123 -8.28 -4.65 -39.81
CA ILE D 123 -8.58 -6.12 -39.89
C ILE D 123 -9.85 -6.53 -39.15
N GLY D 124 -10.17 -5.89 -38.02
CA GLY D 124 -11.38 -6.22 -37.26
C GLY D 124 -12.60 -6.15 -38.19
N ASN D 125 -12.75 -5.02 -38.88
CA ASN D 125 -13.87 -4.88 -39.81
C ASN D 125 -13.84 -5.86 -40.98
N LEU D 126 -12.66 -6.14 -41.52
CA LEU D 126 -12.56 -7.05 -42.65
C LEU D 126 -13.08 -8.43 -42.24
N VAL D 127 -12.71 -8.87 -41.05
CA VAL D 127 -13.17 -10.15 -40.50
C VAL D 127 -14.67 -10.23 -40.17
N THR D 128 -15.18 -9.21 -39.48
CA THR D 128 -16.54 -9.27 -38.95
C THR D 128 -17.55 -8.39 -39.68
N ALA D 129 -17.12 -7.82 -40.80
CA ALA D 129 -17.91 -6.82 -41.52
C ALA D 129 -19.23 -7.30 -42.10
N ASN D 130 -20.21 -6.41 -42.09
CA ASN D 130 -21.45 -6.56 -42.84
C ASN D 130 -21.16 -6.03 -44.24
N ASN D 131 -20.50 -6.90 -45.00
CA ASN D 131 -19.67 -6.63 -46.18
C ASN D 131 -20.22 -6.05 -47.50
N ALA D 132 -21.40 -6.48 -47.92
CA ALA D 132 -21.80 -6.36 -49.33
C ALA D 132 -21.81 -4.92 -49.85
N ASN D 133 -22.35 -4.00 -49.05
CA ASN D 133 -22.28 -2.59 -49.38
C ASN D 133 -20.86 -2.06 -49.15
N CYS D 134 -20.08 -2.84 -48.42
CA CYS D 134 -18.72 -2.52 -48.05
C CYS D 134 -17.69 -3.18 -48.93
N ARG D 135 -18.12 -3.85 -50.00
CA ARG D 135 -17.17 -4.67 -50.76
C ARG D 135 -16.03 -3.90 -51.41
N ASN D 136 -16.37 -2.78 -52.04
CA ASN D 136 -15.34 -2.00 -52.68
C ASN D 136 -14.30 -1.48 -51.69
N VAL D 137 -14.82 -0.94 -50.59
CA VAL D 137 -13.93 -0.36 -49.59
C VAL D 137 -13.11 -1.49 -48.94
N HIS D 138 -13.79 -2.59 -48.60
CA HIS D 138 -13.00 -3.74 -48.09
C HIS D 138 -11.97 -4.32 -49.01
N ASP D 139 -12.24 -4.47 -50.33
CA ASP D 139 -11.18 -4.99 -51.22
C ASP D 139 -10.04 -4.03 -51.31
N MET D 140 -10.36 -2.75 -51.28
CA MET D 140 -9.33 -1.69 -51.27
C MET D 140 -8.47 -1.77 -50.04
N HIS D 141 -9.08 -2.03 -48.86
CA HIS D 141 -8.28 -2.18 -47.63
C HIS D 141 -7.34 -3.36 -47.75
N LYS D 142 -7.83 -4.49 -48.25
CA LYS D 142 -6.95 -5.63 -48.43
C LYS D 142 -5.80 -5.38 -49.40
N GLN D 143 -6.10 -4.77 -50.54
CA GLN D 143 -5.01 -4.44 -51.45
C GLN D 143 -4.04 -3.42 -50.87
N ALA D 144 -4.57 -2.46 -50.13
CA ALA D 144 -3.71 -1.43 -49.41
C ALA D 144 -2.75 -2.12 -48.46
N LEU D 145 -3.28 -3.02 -47.61
CA LEU D 145 -2.41 -3.71 -46.67
C LEU D 145 -1.35 -4.53 -47.38
N SER D 146 -1.75 -5.34 -48.39
CA SER D 146 -0.73 -6.12 -49.11
C SER D 146 0.28 -5.20 -49.81
N TYR D 147 -0.19 -4.08 -50.34
CA TYR D 147 0.80 -3.22 -51.05
C TYR D 147 1.83 -2.62 -50.04
N ALA D 148 1.31 -2.14 -48.91
CA ALA D 148 2.23 -1.73 -47.79
C ALA D 148 3.33 -2.79 -47.48
N ILE D 149 2.95 -4.07 -47.28
CA ILE D 149 3.86 -5.13 -46.95
C ILE D 149 4.81 -5.37 -48.09
N SER D 150 4.30 -5.30 -49.33
CA SER D 150 5.16 -5.59 -50.47
C SER D 150 6.30 -4.58 -50.58
N LYS D 151 6.13 -3.36 -50.07
CA LYS D 151 7.19 -2.32 -50.09
C LYS D 151 8.03 -2.41 -48.79
N PHE D 152 7.39 -2.14 -47.66
CA PHE D 152 8.14 -2.11 -46.39
C PHE D 152 8.68 -3.45 -46.04
N GLY D 153 7.99 -4.54 -46.46
CA GLY D 153 8.37 -5.90 -46.08
C GLY D 153 9.57 -6.42 -46.88
N THR D 154 10.14 -5.54 -47.72
CA THR D 154 11.41 -5.94 -48.35
C THR D 154 12.62 -5.14 -47.93
N GLN D 155 12.37 -4.19 -47.03
CA GLN D 155 13.43 -3.22 -46.64
C GLN D 155 14.14 -3.77 -45.42
N LYS D 156 15.46 -3.95 -45.53
CA LYS D 156 16.24 -4.64 -44.51
C LYS D 156 16.40 -3.85 -43.21
N ASN D 157 16.16 -2.55 -43.28
CA ASN D 157 16.15 -1.65 -42.12
C ASN D 157 14.72 -1.46 -41.53
N VAL D 158 13.77 -2.27 -41.99
CA VAL D 158 12.38 -2.21 -41.42
C VAL D 158 11.96 -3.58 -40.92
N ARG D 159 11.24 -3.63 -39.80
CA ARG D 159 10.51 -4.87 -39.46
C ARG D 159 9.04 -4.53 -39.39
N VAL D 160 8.24 -5.29 -40.15
CA VAL D 160 6.78 -4.90 -40.25
C VAL D 160 5.93 -5.75 -39.30
N TYR D 161 4.93 -5.10 -38.67
CA TYR D 161 3.94 -5.83 -37.93
C TYR D 161 2.62 -5.42 -38.50
N LEU D 162 1.83 -6.42 -38.97
CA LEU D 162 0.43 -6.12 -39.43
C LEU D 162 -0.54 -6.07 -38.30
N ASP D 163 -1.38 -5.06 -38.19
CA ASP D 163 -2.32 -5.00 -37.10
C ASP D 163 -3.49 -5.99 -37.20
N ALA D 164 -3.83 -6.61 -36.09
CA ALA D 164 -4.96 -7.52 -36.04
C ALA D 164 -5.91 -7.33 -34.86
N ALA D 165 -6.31 -6.10 -34.65
CA ALA D 165 -7.31 -5.77 -33.67
C ALA D 165 -6.93 -6.20 -32.26
N HIS D 166 -7.92 -6.72 -31.52
CA HIS D 166 -7.73 -7.16 -30.15
C HIS D 166 -8.55 -8.39 -29.86
N GLY D 167 -8.15 -9.14 -28.83
CA GLY D 167 -8.82 -10.35 -28.47
C GLY D 167 -10.31 -10.24 -28.20
N GLY D 168 -10.72 -9.13 -27.64
CA GLY D 168 -12.09 -8.86 -27.32
C GLY D 168 -12.93 -8.87 -28.57
N TRP D 169 -12.34 -8.46 -29.66
CA TRP D 169 -13.01 -8.50 -30.97
C TRP D 169 -12.90 -9.81 -31.68
N LEU D 170 -11.66 -10.29 -31.83
CA LEU D 170 -11.37 -11.34 -32.74
C LEU D 170 -10.91 -12.72 -32.19
N ASN D 171 -10.81 -12.88 -30.88
CA ASN D 171 -10.37 -14.20 -30.40
C ASN D 171 -11.44 -15.33 -30.73
N SER D 172 -12.69 -14.94 -30.81
CA SER D 172 -13.74 -15.93 -31.19
C SER D 172 -13.75 -16.14 -32.71
N SER D 173 -12.88 -15.39 -33.46
CA SER D 173 -12.85 -15.59 -34.95
C SER D 173 -11.47 -15.83 -35.46
N ALA D 174 -10.61 -16.33 -34.59
CA ALA D 174 -9.23 -16.58 -34.99
C ALA D 174 -8.96 -17.20 -36.32
N ASP D 175 -9.71 -18.22 -36.74
CA ASP D 175 -9.37 -18.83 -37.98
C ASP D 175 -9.66 -17.90 -39.16
N ARG D 176 -10.77 -17.17 -39.10
CA ARG D 176 -11.10 -16.26 -40.22
C ARG D 176 -10.13 -15.09 -40.27
N THR D 177 -9.66 -14.69 -39.10
CA THR D 177 -8.66 -13.56 -38.99
C THR D 177 -7.38 -14.11 -39.67
N ALA D 178 -6.99 -15.35 -39.39
CA ALA D 178 -5.77 -15.93 -39.97
C ALA D 178 -5.95 -16.09 -41.47
N GLU D 179 -7.17 -16.40 -41.90
CA GLU D 179 -7.37 -16.63 -43.38
C GLU D 179 -7.21 -15.25 -44.14
N VAL D 180 -7.82 -14.22 -43.59
CA VAL D 180 -7.66 -12.83 -44.10
C VAL D 180 -6.18 -12.40 -44.13
N ILE D 181 -5.42 -12.64 -43.02
CA ILE D 181 -4.03 -12.28 -43.04
C ILE D 181 -3.24 -13.14 -44.05
N ALA D 182 -3.53 -14.43 -44.14
CA ALA D 182 -2.74 -15.22 -45.07
C ALA D 182 -2.98 -14.73 -46.50
N GLU D 183 -4.18 -14.30 -46.81
CA GLU D 183 -4.51 -13.83 -48.19
C GLU D 183 -3.81 -12.50 -48.47
N ILE D 184 -3.75 -11.65 -47.44
CA ILE D 184 -3.02 -10.38 -47.54
C ILE D 184 -1.57 -10.72 -47.83
N LEU D 185 -0.95 -11.70 -47.11
CA LEU D 185 0.47 -11.94 -47.31
C LEU D 185 0.72 -12.60 -48.66
N ARG D 186 -0.24 -13.37 -49.14
CA ARG D 186 -0.11 -14.04 -50.41
C ARG D 186 0.03 -12.98 -51.51
N ASN D 187 -0.72 -11.89 -51.37
CA ASN D 187 -0.63 -10.82 -52.31
C ASN D 187 0.37 -9.71 -52.10
N ALA D 188 1.32 -9.86 -51.17
CA ALA D 188 2.17 -8.75 -50.76
C ALA D 188 3.53 -8.86 -51.53
N GLY D 189 3.53 -9.47 -52.74
CA GLY D 189 4.81 -9.57 -53.51
C GLY D 189 5.88 -10.34 -52.78
N ASN D 190 7.13 -9.80 -52.73
CA ASN D 190 8.24 -10.45 -52.01
C ASN D 190 8.35 -9.93 -50.53
N GLY D 191 7.43 -9.07 -50.13
CA GLY D 191 7.45 -8.55 -48.72
C GLY D 191 7.10 -9.57 -47.66
N LYS D 192 7.76 -9.49 -46.50
CA LYS D 192 7.54 -10.40 -45.38
C LYS D 192 7.22 -9.57 -44.17
N ILE D 193 6.52 -10.18 -43.20
CA ILE D 193 6.27 -9.51 -41.92
C ILE D 193 7.03 -10.19 -40.78
N ARG D 194 7.43 -9.40 -39.82
CA ARG D 194 7.88 -9.89 -38.54
C ARG D 194 6.78 -10.51 -37.73
N GLY D 195 5.63 -9.88 -37.78
CA GLY D 195 4.57 -10.27 -36.91
C GLY D 195 3.35 -9.41 -36.89
N ILE D 196 2.63 -9.50 -35.80
CA ILE D 196 1.31 -8.98 -35.68
C ILE D 196 1.20 -8.03 -34.51
N SER D 197 0.51 -6.91 -34.64
CA SER D 197 0.26 -6.08 -33.50
C SER D 197 -1.18 -6.20 -33.04
N THR D 198 -1.36 -6.19 -31.71
CA THR D 198 -2.70 -6.19 -31.17
C THR D 198 -2.90 -5.17 -30.04
N ASN D 199 -4.19 -4.89 -29.75
CA ASN D 199 -4.74 -4.06 -28.64
C ASN D 199 -4.48 -2.55 -28.88
N VAL D 200 -4.20 -2.18 -30.14
CA VAL D 200 -3.89 -0.76 -30.48
C VAL D 200 -5.12 0.03 -30.19
N SER D 201 -4.92 1.09 -29.42
CA SER D 201 -5.95 2.02 -28.96
C SER D 201 -7.00 1.34 -28.10
N ASN D 202 -6.66 0.11 -27.66
CA ASN D 202 -7.65 -0.61 -26.78
C ASN D 202 -7.04 -0.97 -25.44
N TYR D 203 -7.83 -1.60 -24.55
CA TYR D 203 -7.49 -1.58 -23.12
C TYR D 203 -7.43 -3.05 -22.59
N GLN D 204 -7.39 -4.06 -23.49
CA GLN D 204 -7.35 -5.50 -23.03
C GLN D 204 -6.08 -5.81 -22.26
N PRO D 205 -6.20 -6.69 -21.22
CA PRO D 205 -5.12 -7.07 -20.36
C PRO D 205 -4.10 -7.78 -21.22
N VAL D 206 -2.81 -7.65 -20.93
CA VAL D 206 -1.84 -8.41 -21.63
C VAL D 206 -2.14 -9.95 -21.60
N TYR D 207 -2.55 -10.46 -20.42
CA TYR D 207 -2.68 -11.96 -20.30
C TYR D 207 -3.75 -12.42 -21.30
N SER D 208 -4.88 -11.72 -21.37
CA SER D 208 -5.83 -12.21 -22.39
C SER D 208 -5.42 -11.95 -23.81
N GLU D 209 -4.74 -10.83 -24.06
CA GLU D 209 -4.21 -10.66 -25.43
C GLU D 209 -3.23 -11.76 -25.81
N TYR D 210 -2.38 -12.22 -24.89
CA TYR D 210 -1.46 -13.31 -25.28
C TYR D 210 -2.23 -14.58 -25.63
N GLN D 211 -3.26 -14.90 -24.85
CA GLN D 211 -4.15 -16.08 -25.16
C GLN D 211 -4.69 -15.90 -26.59
N TYR D 212 -5.05 -14.67 -26.96
CA TYR D 212 -5.39 -14.40 -28.41
C TYR D 212 -4.25 -14.64 -29.36
N HIS D 213 -3.02 -14.16 -29.03
CA HIS D 213 -1.88 -14.42 -29.85
C HIS D 213 -1.62 -15.87 -30.04
N GLN D 214 -1.78 -16.69 -28.97
CA GLN D 214 -1.54 -18.14 -29.16
C GLN D 214 -2.62 -18.76 -30.14
N ASN D 215 -3.86 -18.30 -30.01
CA ASN D 215 -4.95 -18.84 -30.81
C ASN D 215 -4.75 -18.39 -32.26
N LEU D 216 -4.46 -17.08 -32.47
CA LEU D 216 -4.21 -16.63 -33.82
C LEU D 216 -2.97 -17.24 -34.44
N ASN D 217 -1.93 -17.41 -33.66
CA ASN D 217 -0.68 -18.01 -34.15
C ASN D 217 -0.93 -19.50 -34.58
N ARG D 218 -1.70 -20.24 -33.78
CA ARG D 218 -1.96 -21.66 -34.16
C ARG D 218 -2.77 -21.65 -35.48
N ALA D 219 -3.75 -20.76 -35.58
CA ALA D 219 -4.47 -20.63 -36.89
C ALA D 219 -3.63 -20.19 -38.11
N LEU D 220 -2.65 -19.31 -37.90
CA LEU D 220 -1.76 -18.86 -38.94
C LEU D 220 -0.84 -20.05 -39.26
N GLU D 221 -0.44 -20.81 -38.23
CA GLU D 221 0.51 -21.89 -38.53
C GLU D 221 -0.22 -22.99 -39.37
N SER D 222 -1.49 -23.18 -39.13
CA SER D 222 -2.28 -24.19 -39.87
C SER D 222 -2.42 -23.83 -41.33
N ARG D 223 -2.13 -22.55 -41.66
CA ARG D 223 -2.11 -22.10 -43.02
C ARG D 223 -0.72 -21.83 -43.53
N GLY D 224 0.30 -22.47 -42.95
CA GLY D 224 1.71 -22.31 -43.41
C GLY D 224 2.30 -20.92 -43.15
N VAL D 225 1.65 -20.11 -42.29
CA VAL D 225 2.26 -18.81 -41.88
C VAL D 225 2.97 -19.06 -40.52
N ARG D 226 4.28 -19.25 -40.56
CA ARG D 226 5.07 -19.72 -39.45
C ARG D 226 5.97 -18.68 -38.88
N GLY D 227 6.35 -18.85 -37.64
CA GLY D 227 7.36 -17.94 -37.04
C GLY D 227 6.85 -16.56 -36.70
N MET D 228 5.52 -16.32 -36.73
CA MET D 228 5.00 -14.97 -36.43
C MET D 228 5.29 -14.63 -34.96
N LYS D 229 5.65 -13.36 -34.70
CA LYS D 229 5.82 -12.83 -33.37
C LYS D 229 4.81 -11.69 -33.20
N PHE D 230 4.59 -11.18 -31.98
CA PHE D 230 3.46 -10.29 -31.70
C PHE D 230 4.01 -9.09 -30.91
N ILE D 231 3.29 -7.93 -30.92
CA ILE D 231 3.52 -6.83 -30.06
C ILE D 231 2.16 -6.42 -29.57
N VAL D 232 2.06 -5.95 -28.33
CA VAL D 232 0.80 -5.58 -27.77
C VAL D 232 0.91 -4.18 -27.29
N ASP D 233 -0.13 -3.39 -27.53
CA ASP D 233 -0.20 -1.97 -27.09
C ASP D 233 -0.49 -1.96 -25.60
N THR D 234 0.46 -1.49 -24.80
CA THR D 234 0.23 -1.39 -23.34
C THR D 234 0.01 0.05 -22.86
N SER D 235 -0.25 0.94 -23.82
CA SER D 235 -0.39 2.36 -23.44
C SER D 235 -1.50 2.48 -22.43
N ARG D 236 -2.66 1.83 -22.65
CA ARG D 236 -3.80 2.12 -21.78
C ARG D 236 -4.41 0.86 -21.15
N ASN D 237 -3.58 -0.17 -20.91
CA ASN D 237 -4.26 -1.40 -20.39
C ASN D 237 -3.80 -1.76 -18.94
N GLY D 238 -3.49 -0.73 -18.18
CA GLY D 238 -3.12 -0.96 -16.73
C GLY D 238 -4.26 -1.57 -15.90
N ARG D 239 -5.49 -1.25 -16.24
CA ARG D 239 -6.70 -1.71 -15.54
C ARG D 239 -7.59 -2.45 -16.46
N ASN D 240 -8.24 -3.52 -15.98
CA ASN D 240 -9.12 -4.27 -16.89
C ASN D 240 -10.24 -3.41 -17.30
N PRO D 241 -10.66 -3.52 -18.58
CA PRO D 241 -11.72 -2.62 -18.91
C PRO D 241 -13.11 -2.97 -18.30
N SER D 242 -13.77 -1.94 -17.85
CA SER D 242 -15.10 -2.06 -17.30
C SER D 242 -16.07 -2.57 -18.33
N SER D 243 -15.94 -2.10 -19.57
CA SER D 243 -16.88 -2.41 -20.63
C SER D 243 -16.19 -2.42 -21.98
N ALA D 244 -17.01 -2.66 -23.00
CA ALA D 244 -16.63 -2.61 -24.40
C ALA D 244 -16.27 -1.23 -24.96
N THR D 245 -16.84 -0.19 -24.40
CA THR D 245 -16.71 1.21 -24.80
C THR D 245 -15.24 1.41 -25.28
N TRP D 246 -15.06 1.88 -26.52
CA TRP D 246 -13.67 2.05 -27.02
C TRP D 246 -13.12 3.47 -26.85
N CYS D 247 -14.01 4.43 -26.63
CA CYS D 247 -13.71 5.85 -26.74
C CYS D 247 -13.44 6.49 -25.37
N ASN D 248 -12.21 6.91 -25.15
CA ASN D 248 -11.81 7.61 -23.96
C ASN D 248 -12.40 6.93 -22.67
N LEU D 249 -12.13 5.63 -22.54
CA LEU D 249 -12.70 4.80 -21.46
C LEU D 249 -12.33 5.34 -20.06
N LYS D 250 -13.32 5.59 -19.20
CA LYS D 250 -13.08 6.00 -17.77
C LYS D 250 -12.48 4.83 -17.05
N GLY D 251 -11.54 5.11 -16.15
CA GLY D 251 -10.96 4.06 -15.29
C GLY D 251 -9.73 3.39 -15.87
N ALA D 252 -9.41 3.69 -17.15
CA ALA D 252 -8.17 3.16 -17.73
C ALA D 252 -6.95 3.74 -17.06
N GLY D 253 -5.80 3.03 -17.18
CA GLY D 253 -4.54 3.48 -16.70
C GLY D 253 -3.47 3.11 -17.67
N LEU D 254 -2.32 3.79 -17.59
CA LEU D 254 -1.10 3.40 -18.30
C LEU D 254 -0.79 1.97 -17.94
N GLY D 255 -0.44 1.18 -18.95
CA GLY D 255 0.08 -0.18 -18.70
C GLY D 255 1.56 -0.29 -18.59
N ALA D 256 2.03 -1.52 -18.77
CA ALA D 256 3.47 -1.77 -18.66
C ALA D 256 4.25 -0.88 -19.60
N ARG D 257 5.40 -0.37 -19.18
CA ARG D 257 6.28 0.40 -20.08
C ARG D 257 6.90 -0.44 -21.22
N PRO D 258 7.11 0.18 -22.39
CA PRO D 258 7.67 -0.51 -23.52
C PRO D 258 8.88 -1.26 -23.14
N GLN D 259 9.02 -2.45 -23.69
CA GLN D 259 10.01 -3.41 -23.24
C GLN D 259 10.06 -4.57 -24.21
N ALA D 260 11.28 -4.97 -24.61
CA ALA D 260 11.47 -6.14 -25.47
C ALA D 260 11.45 -7.40 -24.65
N ASN D 261 10.95 -8.47 -25.27
CA ASN D 261 10.98 -9.85 -24.63
C ASN D 261 10.56 -9.79 -23.16
N PRO D 262 9.35 -9.28 -22.83
CA PRO D 262 9.13 -9.03 -21.43
C PRO D 262 8.95 -10.24 -20.51
N ASP D 263 8.65 -11.40 -21.05
CA ASP D 263 8.36 -12.61 -20.21
C ASP D 263 8.75 -13.84 -21.03
N PRO D 264 9.74 -14.65 -20.56
CA PRO D 264 10.12 -15.87 -21.23
C PRO D 264 8.97 -16.87 -21.34
N ASN D 265 7.92 -16.70 -20.55
CA ASN D 265 6.72 -17.63 -20.65
C ASN D 265 5.75 -17.10 -21.77
N MET D 266 6.14 -15.98 -22.41
CA MET D 266 5.39 -15.48 -23.61
C MET D 266 6.42 -15.41 -24.76
N PRO D 267 6.90 -16.57 -25.24
CA PRO D 267 7.89 -16.52 -26.20
C PRO D 267 7.39 -15.95 -27.55
N LEU D 268 6.08 -15.86 -27.78
CA LEU D 268 5.63 -15.32 -29.10
C LEU D 268 5.68 -13.78 -29.02
N LEU D 269 5.87 -13.23 -27.82
CA LEU D 269 5.73 -11.75 -27.66
C LEU D 269 7.04 -10.99 -27.77
N ASP D 270 7.21 -10.29 -28.87
CA ASP D 270 8.38 -9.47 -29.08
C ASP D 270 8.48 -8.32 -28.08
N ALA D 271 7.38 -7.68 -27.72
CA ALA D 271 7.46 -6.46 -26.93
C ALA D 271 6.14 -5.98 -26.46
N TYR D 272 6.18 -5.26 -25.32
CA TYR D 272 5.10 -4.32 -24.98
C TYR D 272 5.50 -2.99 -25.70
N VAL D 273 4.52 -2.27 -26.20
CA VAL D 273 4.79 -1.10 -27.02
C VAL D 273 3.69 -0.12 -26.66
N TRP D 274 4.04 1.20 -26.63
CA TRP D 274 2.99 2.16 -26.43
C TRP D 274 2.60 2.64 -27.83
N ILE D 275 1.50 2.09 -28.37
CA ILE D 275 1.19 2.36 -29.82
C ILE D 275 0.22 3.51 -29.94
N LYS D 276 -1.01 3.41 -29.41
CA LYS D 276 -1.87 4.54 -29.22
C LYS D 276 -1.06 5.49 -28.35
N THR D 277 -1.24 6.77 -28.56
CA THR D 277 -0.60 7.75 -27.72
C THR D 277 -1.43 8.06 -26.49
N PRO D 278 -0.92 7.68 -25.34
CA PRO D 278 -1.74 7.83 -24.16
C PRO D 278 -1.95 9.30 -23.85
N GLY D 279 -3.18 9.70 -23.67
CA GLY D 279 -3.53 11.08 -23.48
C GLY D 279 -4.04 11.83 -24.68
N GLU D 280 -3.87 11.28 -25.87
CA GLU D 280 -4.54 11.83 -27.10
C GLU D 280 -5.94 11.28 -27.14
N SER D 281 -6.91 12.17 -27.33
CA SER D 281 -8.32 11.86 -27.39
C SER D 281 -8.57 10.80 -28.45
N ASP D 282 -9.41 9.83 -28.20
CA ASP D 282 -9.89 8.95 -29.25
C ASP D 282 -10.86 9.60 -30.24
N SER D 283 -11.69 10.49 -29.71
CA SER D 283 -12.70 11.22 -30.43
C SER D 283 -13.22 12.34 -29.60
N ALA D 284 -13.78 13.35 -30.22
CA ALA D 284 -14.53 14.37 -29.51
C ALA D 284 -15.78 13.75 -28.99
N SER D 285 -16.27 14.20 -27.85
CA SER D 285 -17.46 13.58 -27.25
C SER D 285 -18.74 13.73 -28.12
N SER D 286 -18.65 14.53 -29.20
CA SER D 286 -19.73 14.82 -30.16
C SER D 286 -19.80 13.84 -31.30
N ALA D 287 -18.65 13.26 -31.65
CA ALA D 287 -18.43 12.61 -32.94
C ALA D 287 -18.90 11.18 -33.11
N ASP D 288 -19.37 10.55 -32.03
CA ASP D 288 -19.84 9.17 -32.05
C ASP D 288 -20.69 8.97 -30.79
N PRO D 289 -21.79 8.20 -30.88
CA PRO D 289 -22.54 7.91 -29.67
C PRO D 289 -21.72 7.28 -28.52
N VAL D 290 -20.76 6.40 -28.85
CA VAL D 290 -19.93 5.67 -27.86
C VAL D 290 -19.16 6.62 -26.94
N CYS D 291 -18.80 7.78 -27.49
CA CYS D 291 -18.04 8.79 -26.77
C CYS D 291 -18.91 9.54 -25.77
N ARG D 292 -20.21 9.26 -25.83
CA ARG D 292 -21.17 9.84 -24.88
C ARG D 292 -21.59 8.82 -23.80
N ASN D 293 -21.16 7.56 -23.96
CA ASN D 293 -21.41 6.55 -22.96
C ASN D 293 -21.10 7.10 -21.58
N SER D 294 -21.83 6.63 -20.57
CA SER D 294 -21.59 7.09 -19.19
C SER D 294 -20.18 6.69 -18.68
N ASP D 295 -19.58 5.70 -19.32
CA ASP D 295 -18.20 5.34 -18.97
C ASP D 295 -17.16 5.83 -20.00
N SER D 296 -17.56 6.83 -20.78
CA SER D 296 -16.64 7.65 -21.53
C SER D 296 -16.36 8.97 -20.86
N LEU D 297 -15.08 9.30 -20.75
CA LEU D 297 -14.76 10.60 -20.13
C LEU D 297 -15.15 11.75 -21.07
N GLN D 298 -16.14 12.54 -20.62
CA GLN D 298 -16.73 13.61 -21.42
C GLN D 298 -15.85 14.85 -21.57
N GLY D 299 -16.14 15.64 -22.60
CA GLY D 299 -15.43 16.89 -22.84
C GLY D 299 -14.14 16.76 -23.61
N ALA D 300 -13.86 15.56 -24.10
CA ALA D 300 -12.64 15.31 -24.87
C ALA D 300 -12.62 16.10 -26.17
N PRO D 301 -11.44 16.62 -26.51
CA PRO D 301 -11.23 17.34 -27.75
C PRO D 301 -11.32 16.36 -28.90
N ALA D 302 -11.13 16.88 -30.12
CA ALA D 302 -11.05 16.07 -31.34
C ALA D 302 -10.00 14.93 -31.27
N ALA D 303 -10.27 13.84 -32.00
CA ALA D 303 -9.34 12.70 -32.14
C ALA D 303 -7.90 13.13 -32.40
N GLY D 304 -6.95 12.66 -31.56
CA GLY D 304 -5.51 12.92 -31.77
C GLY D 304 -5.05 14.15 -30.96
N SER D 305 -6.01 14.93 -30.48
CA SER D 305 -5.65 16.15 -29.72
C SER D 305 -5.44 15.77 -28.27
N TRP D 306 -4.59 16.53 -27.60
CA TRP D 306 -4.31 16.26 -26.21
C TRP D 306 -5.54 16.39 -25.36
N PHE D 307 -5.68 15.46 -24.42
CA PHE D 307 -6.75 15.47 -23.47
C PHE D 307 -6.03 15.45 -22.12
N HIS D 308 -5.94 16.60 -21.48
CA HIS D 308 -5.29 16.63 -20.20
C HIS D 308 -5.96 15.92 -19.08
N ASP D 309 -7.25 16.09 -18.88
CA ASP D 309 -7.85 15.37 -17.77
C ASP D 309 -7.82 13.84 -17.94
N TYR D 310 -7.78 13.37 -19.19
CA TYR D 310 -7.67 11.94 -19.44
C TYR D 310 -6.22 11.48 -19.24
N PHE D 311 -5.25 12.27 -19.64
CA PHE D 311 -3.90 11.90 -19.37
C PHE D 311 -3.77 11.82 -17.81
N VAL D 312 -4.38 12.76 -17.08
CA VAL D 312 -4.26 12.70 -15.60
C VAL D 312 -4.85 11.37 -15.07
N MET D 313 -5.98 10.97 -15.60
CA MET D 313 -6.68 9.77 -15.18
C MET D 313 -5.77 8.57 -15.46
N LEU D 314 -5.13 8.50 -16.65
CA LEU D 314 -4.16 7.42 -16.95
C LEU D 314 -3.01 7.37 -16.02
N LEU D 315 -2.54 8.54 -15.63
CA LEU D 315 -1.40 8.59 -14.80
C LEU D 315 -1.81 8.10 -13.36
N GLU D 316 -2.97 8.54 -12.82
CA GLU D 316 -3.46 8.16 -11.42
C GLU D 316 -3.63 6.63 -11.45
N ASN D 317 -4.02 6.08 -12.62
CA ASN D 317 -4.39 4.64 -12.64
C ASN D 317 -3.29 3.71 -13.16
N ALA D 318 -2.07 4.23 -13.33
CA ALA D 318 -1.05 3.48 -13.95
C ALA D 318 -0.85 2.15 -13.21
N ASN D 319 -0.60 1.11 -13.96
CA ASN D 319 -0.23 -0.22 -13.37
C ASN D 319 0.66 -0.97 -14.36
N PRO D 320 1.90 -1.32 -14.01
CA PRO D 320 2.54 -1.13 -12.68
C PRO D 320 2.59 0.33 -12.27
N PRO D 321 2.44 0.63 -10.95
CA PRO D 321 2.64 1.99 -10.56
C PRO D 321 4.06 2.39 -10.80
N PHE D 322 4.31 3.67 -10.69
CA PHE D 322 5.67 4.22 -10.44
C PHE D 322 6.32 3.75 -9.12
#